data_2WMA
#
_entry.id   2WMA
#
_cell.length_a   72.792
_cell.length_b   131.853
_cell.length_c   146.883
_cell.angle_alpha   90.00
_cell.angle_beta   90.00
_cell.angle_gamma   90.00
#
_symmetry.space_group_name_H-M   'P 21 21 21'
#
loop_
_entity.id
_entity.type
_entity.pdbx_description
1 polymer 'CELL DIVISION PROTEIN KINASE 2'
2 polymer CYCLIN-A2
3 polymer 'CYCLIC RKLFN-NH2'
4 water water
#
loop_
_entity_poly.entity_id
_entity_poly.type
_entity_poly.pdbx_seq_one_letter_code
_entity_poly.pdbx_strand_id
1 'polypeptide(L)'
;GPLGSMENFQKVEKIGEGTYGVVYKARNKLTGEVVALKKIRLDTETEGVPSTAIREISLLKELNHPNIVKLLDVIHTENK
LYLVFEFLHQDLKKFMDASALTGIPLPLIKSYLFQLLQGLAFCHSHRVLHRDLKPQNLLINTEGAIKLADFGLARAFGVP
VRTY(TPO)HEVVTLWYRAPEILLGCKYYSTAVDIWSLGCIFAEMVTRRALFPGDSEIDQLFRIFRTLGTPDEVVWPGVT
SMPDYKPSFPKWARQDFSKVVPPLDEDGRSLLSQMLHYDPNKRISAKAALAHPFFQDVTKPVPHLRL
;
A,C
2 'polypeptide(L)'
;EVPDYHEDIHTYLREMEVKCKPKVGYMKKQPDITNSMRAILVDWLVEVGEEYKLQNETLHLAVNYIDRFLSSMSVLRGKL
QLVGTAAMLLASKFEEIYPPEVAEFVYITDDTYTKKQVLRMEHLVLKVLTFDLAAPTVNQFLTQYFLHQQPANCKVESLA
MFLGELSLIDADPYLKYLPSVIAGAAFHLALYTVTGQSWPESLIRKTGYTLESLKPCLMDLHQTYLKAPQHAQQSIREKY
KNSKYHGVSLLNPPETLNL
;
B,D
3 'polypeptide(L)' RKLFN E
#
# COMPACT_ATOMS: atom_id res chain seq x y z
N SER A 5 13.61 0.23 -13.12
CA SER A 5 13.75 -1.15 -12.54
C SER A 5 15.22 -1.55 -12.29
N MET A 6 15.72 -2.49 -13.11
CA MET A 6 17.12 -2.97 -13.05
C MET A 6 18.15 -1.95 -13.53
N GLU A 7 17.67 -0.93 -14.23
CA GLU A 7 18.49 0.21 -14.66
C GLU A 7 19.32 0.81 -13.51
N ASN A 8 18.70 0.97 -12.34
CA ASN A 8 19.30 1.67 -11.19
C ASN A 8 20.42 0.91 -10.48
N PHE A 9 20.54 -0.38 -10.74
CA PHE A 9 21.51 -1.20 -10.02
C PHE A 9 22.70 -1.57 -10.88
N GLN A 10 23.82 -1.81 -10.23
CA GLN A 10 25.02 -2.21 -10.91
C GLN A 10 25.64 -3.36 -10.12
N LYS A 11 25.61 -4.56 -10.71
CA LYS A 11 26.10 -5.76 -10.03
C LYS A 11 27.56 -5.59 -9.61
N VAL A 12 27.95 -6.15 -8.48
CA VAL A 12 29.32 -6.00 -7.97
C VAL A 12 30.05 -7.34 -7.95
N GLU A 13 29.38 -8.36 -7.40
CA GLU A 13 29.89 -9.74 -7.31
C GLU A 13 28.78 -10.63 -6.77
N LYS A 14 28.76 -11.89 -7.18
CA LYS A 14 27.80 -12.85 -6.64
C LYS A 14 28.25 -13.29 -5.25
N ILE A 15 27.32 -13.78 -4.44
CA ILE A 15 27.63 -14.45 -3.16
C ILE A 15 26.55 -15.43 -2.71
N GLY A 16 26.55 -16.63 -3.30
CA GLY A 16 25.75 -17.74 -2.77
C GLY A 16 24.58 -18.26 -3.60
N GLU A 17 23.93 -19.30 -3.06
CA GLU A 17 22.74 -20.01 -3.63
C GLU A 17 22.89 -20.48 -5.10
N GLY A 18 21.86 -21.11 -5.69
CA GLY A 18 20.53 -21.34 -5.09
C GLY A 18 20.21 -22.76 -4.67
N THR A 19 19.08 -23.34 -5.14
CA THR A 19 18.22 -22.82 -6.22
C THR A 19 17.59 -21.46 -5.94
N TYR A 20 16.75 -21.03 -6.89
CA TYR A 20 16.36 -19.64 -7.13
C TYR A 20 17.28 -19.17 -8.24
N GLY A 21 18.52 -18.89 -7.84
CA GLY A 21 19.58 -18.43 -8.72
C GLY A 21 20.73 -18.07 -7.80
N VAL A 22 21.53 -17.08 -8.19
CA VAL A 22 22.54 -16.54 -7.29
C VAL A 22 22.06 -15.28 -6.61
N VAL A 23 22.59 -15.05 -5.41
CA VAL A 23 22.48 -13.79 -4.71
C VAL A 23 23.60 -12.86 -5.19
N TYR A 24 23.27 -11.60 -5.42
CA TYR A 24 24.19 -10.63 -6.01
C TYR A 24 24.38 -9.37 -5.19
N LYS A 25 25.60 -9.14 -4.72
CA LYS A 25 25.95 -7.82 -4.18
C LYS A 25 25.88 -6.83 -5.32
N ALA A 26 25.06 -5.80 -5.15
CA ALA A 26 24.88 -4.79 -6.19
C ALA A 26 24.70 -3.45 -5.55
N ARG A 27 25.01 -2.41 -6.30
CA ARG A 27 24.97 -1.05 -5.78
C ARG A 27 23.90 -0.24 -6.51
N ASN A 28 23.03 0.38 -5.74
CA ASN A 28 22.05 1.32 -6.29
C ASN A 28 22.82 2.52 -6.79
N LYS A 29 22.71 2.79 -8.08
CA LYS A 29 23.49 3.84 -8.73
C LYS A 29 23.11 5.23 -8.24
N LEU A 30 21.83 5.41 -7.97
CA LEU A 30 21.31 6.72 -7.61
C LEU A 30 21.33 6.97 -6.12
N THR A 31 21.04 5.96 -5.30
CA THR A 31 20.93 6.20 -3.86
C THR A 31 22.21 5.88 -3.12
N GLY A 32 23.02 5.00 -3.71
CA GLY A 32 24.25 4.55 -3.10
C GLY A 32 24.08 3.21 -2.41
N GLU A 33 22.85 2.91 -2.06
CA GLU A 33 22.56 1.74 -1.26
C GLU A 33 23.15 0.47 -1.88
N VAL A 34 23.88 -0.28 -1.06
CA VAL A 34 24.46 -1.55 -1.48
C VAL A 34 23.44 -2.61 -1.11
N VAL A 35 23.06 -3.41 -2.11
CA VAL A 35 21.99 -4.38 -1.94
C VAL A 35 22.39 -5.82 -2.30
N ALA A 36 21.49 -6.75 -2.02
CA ALA A 36 21.64 -8.14 -2.39
C ALA A 36 20.51 -8.48 -3.35
N LEU A 37 20.87 -9.03 -4.51
CA LEU A 37 19.91 -9.35 -5.57
C LEU A 37 19.76 -10.85 -5.72
N LYS A 38 18.60 -11.36 -5.34
CA LYS A 38 18.25 -12.74 -5.58
C LYS A 38 17.52 -12.75 -6.92
N LYS A 39 18.23 -13.21 -7.95
CA LYS A 39 17.67 -13.38 -9.27
C LYS A 39 17.00 -14.75 -9.30
N ILE A 40 15.72 -14.75 -9.69
CA ILE A 40 14.94 -15.98 -9.73
C ILE A 40 14.51 -16.25 -11.17
N ARG A 41 15.09 -17.29 -11.75
CA ARG A 41 14.88 -17.61 -13.18
C ARG A 41 13.47 -18.12 -13.46
N LEU A 42 12.76 -17.38 -14.30
CA LEU A 42 11.43 -17.76 -14.74
C LEU A 42 11.49 -18.35 -16.14
N ASP A 43 11.44 -17.49 -17.16
CA ASP A 43 11.30 -17.87 -18.60
C ASP A 43 10.06 -18.76 -18.87
N THR A 44 8.99 -18.51 -18.10
CA THR A 44 7.83 -19.41 -17.87
C THR A 44 8.11 -20.50 -16.83
N GLU A 45 9.39 -20.91 -16.72
CA GLU A 45 9.86 -21.86 -15.70
C GLU A 45 9.09 -23.19 -15.72
N THR A 46 8.35 -23.41 -16.80
CA THR A 46 7.37 -24.50 -16.95
C THR A 46 6.28 -24.56 -15.86
N GLU A 47 6.62 -24.11 -14.65
CA GLU A 47 5.72 -24.15 -13.50
C GLU A 47 5.42 -22.76 -12.89
N GLY A 48 5.80 -21.72 -13.61
CA GLY A 48 5.57 -20.35 -13.15
C GLY A 48 6.47 -20.00 -11.97
N VAL A 49 5.95 -19.17 -11.08
CA VAL A 49 6.73 -18.73 -9.94
C VAL A 49 6.80 -19.83 -8.87
N PRO A 50 8.02 -20.27 -8.49
CA PRO A 50 8.18 -21.34 -7.51
C PRO A 50 7.47 -21.04 -6.21
N SER A 51 6.83 -22.03 -5.62
CA SER A 51 6.13 -21.81 -4.36
C SER A 51 7.08 -21.21 -3.34
N THR A 52 8.30 -21.72 -3.33
CA THR A 52 9.40 -21.17 -2.54
C THR A 52 9.45 -19.66 -2.66
N ALA A 53 9.69 -19.16 -3.86
CA ALA A 53 9.76 -17.73 -4.08
C ALA A 53 8.50 -17.02 -3.62
N ILE A 54 7.34 -17.59 -3.96
CA ILE A 54 6.06 -16.98 -3.63
C ILE A 54 5.96 -16.78 -2.12
N ARG A 55 6.26 -17.83 -1.38
CA ARG A 55 6.27 -17.73 0.06
C ARG A 55 7.34 -16.76 0.52
N GLU A 56 8.54 -16.87 -0.03
CA GLU A 56 9.62 -16.00 0.41
C GLU A 56 9.14 -14.55 0.37
N ILE A 57 8.55 -14.17 -0.76
CA ILE A 57 8.23 -12.78 -1.00
C ILE A 57 7.07 -12.33 -0.12
N SER A 58 5.95 -13.05 -0.20
CA SER A 58 4.75 -12.72 0.58
C SER A 58 5.00 -12.67 2.08
N LEU A 59 5.72 -13.64 2.62
CA LEU A 59 6.02 -13.62 4.05
C LEU A 59 6.99 -12.49 4.41
N LEU A 60 8.04 -12.32 3.61
CA LEU A 60 9.02 -11.27 3.84
C LEU A 60 8.40 -9.90 3.86
N LYS A 61 7.43 -9.65 2.99
CA LYS A 61 6.74 -8.36 2.99
C LYS A 61 6.13 -8.02 4.34
N GLU A 62 5.49 -9.01 4.95
CA GLU A 62 4.86 -8.84 6.24
C GLU A 62 5.84 -8.78 7.41
N LEU A 63 7.10 -9.10 7.17
CA LEU A 63 8.03 -9.22 8.27
C LEU A 63 9.01 -8.07 8.30
N ASN A 64 8.58 -6.94 8.84
CA ASN A 64 9.47 -5.82 8.91
C ASN A 64 10.04 -5.72 10.31
N HIS A 65 11.32 -6.05 10.46
CA HIS A 65 11.96 -6.13 11.76
C HIS A 65 13.47 -5.99 11.61
N PRO A 66 14.12 -5.24 12.53
CA PRO A 66 15.57 -5.05 12.49
C PRO A 66 16.40 -6.34 12.41
N ASN A 67 15.84 -7.48 12.82
CA ASN A 67 16.57 -8.73 12.82
C ASN A 67 15.99 -9.76 11.85
N ILE A 68 15.20 -9.26 10.92
CA ILE A 68 14.81 -10.02 9.77
C ILE A 68 15.35 -9.26 8.58
N VAL A 69 16.10 -9.97 7.73
CA VAL A 69 16.60 -9.43 6.48
C VAL A 69 15.47 -8.73 5.73
N LYS A 70 15.76 -7.53 5.24
CA LYS A 70 14.75 -6.65 4.66
C LYS A 70 14.69 -6.81 3.16
N LEU A 71 13.54 -7.27 2.68
CA LEU A 71 13.17 -7.21 1.25
C LEU A 71 12.83 -5.78 0.89
N LEU A 72 13.64 -5.19 0.02
CA LEU A 72 13.51 -3.77 -0.32
C LEU A 72 12.65 -3.57 -1.52
N ASP A 73 12.60 -4.58 -2.38
CA ASP A 73 11.84 -4.49 -3.58
C ASP A 73 11.82 -5.78 -4.36
N VAL A 74 10.72 -5.98 -5.07
CA VAL A 74 10.60 -7.06 -6.01
C VAL A 74 10.57 -6.41 -7.39
N ILE A 75 11.56 -6.75 -8.19
CA ILE A 75 11.66 -6.26 -9.56
C ILE A 75 11.26 -7.38 -10.50
N HIS A 76 10.35 -7.05 -11.40
CA HIS A 76 9.38 -7.98 -11.92
C HIS A 76 9.28 -8.04 -13.44
N THR A 77 10.42 -8.05 -14.15
CA THR A 77 10.39 -8.26 -15.60
C THR A 77 9.54 -9.52 -15.94
N GLU A 78 8.98 -9.61 -17.14
CA GLU A 78 8.15 -10.80 -17.47
C GLU A 78 8.98 -12.07 -17.73
N ASN A 79 10.30 -11.89 -17.83
CA ASN A 79 11.26 -12.97 -18.07
C ASN A 79 11.96 -13.46 -16.79
N LYS A 80 12.23 -12.53 -15.87
CA LYS A 80 12.95 -12.82 -14.63
C LYS A 80 12.30 -12.16 -13.40
N LEU A 81 12.54 -12.73 -12.23
CA LEU A 81 12.10 -12.11 -10.99
C LEU A 81 13.31 -11.77 -10.14
N TYR A 82 13.39 -10.50 -9.75
CA TYR A 82 14.54 -9.98 -9.00
C TYR A 82 14.15 -9.56 -7.59
N LEU A 83 14.85 -10.11 -6.61
CA LEU A 83 14.55 -9.77 -5.24
C LEU A 83 15.65 -8.87 -4.69
N VAL A 84 15.28 -7.64 -4.33
CA VAL A 84 16.23 -6.72 -3.74
C VAL A 84 16.18 -6.80 -2.22
N PHE A 85 17.26 -7.31 -1.63
CA PHE A 85 17.41 -7.38 -0.18
C PHE A 85 18.40 -6.33 0.28
N GLU A 86 18.27 -5.85 1.51
CA GLU A 86 19.33 -5.08 2.13
C GLU A 86 20.59 -5.96 2.13
N PHE A 87 21.74 -5.36 1.83
CA PHE A 87 22.97 -6.13 1.79
C PHE A 87 23.53 -6.35 3.17
N LEU A 88 23.74 -7.60 3.52
CA LEU A 88 24.47 -7.93 4.74
C LEU A 88 25.74 -8.68 4.42
N HIS A 89 26.78 -8.37 5.19
CA HIS A 89 28.18 -8.63 4.81
C HIS A 89 28.55 -10.10 4.72
N GLN A 90 28.40 -10.85 5.81
CA GLN A 90 28.54 -12.29 5.71
C GLN A 90 27.48 -13.07 6.48
N ASP A 91 27.60 -14.40 6.50
CA ASP A 91 26.73 -15.25 7.31
C ASP A 91 27.46 -15.78 8.55
N LEU A 92 26.67 -16.24 9.52
CA LEU A 92 27.20 -16.68 10.80
C LEU A 92 28.20 -17.82 10.66
N LYS A 93 27.91 -18.79 9.79
CA LYS A 93 28.82 -19.91 9.52
C LYS A 93 30.16 -19.36 9.12
N LYS A 94 30.17 -18.57 8.05
CA LYS A 94 31.37 -17.92 7.55
C LYS A 94 32.13 -17.22 8.66
N PHE A 95 31.42 -16.49 9.50
CA PHE A 95 32.02 -15.72 10.58
C PHE A 95 32.64 -16.61 11.64
N MET A 96 32.00 -17.75 11.89
CA MET A 96 32.49 -18.69 12.90
C MET A 96 33.80 -19.34 12.50
N ASP A 97 33.98 -19.57 11.20
CA ASP A 97 35.24 -20.10 10.67
C ASP A 97 36.36 -19.08 10.76
N ALA A 98 36.03 -17.81 10.59
CA ALA A 98 36.96 -16.70 10.78
C ALA A 98 37.37 -16.59 12.25
N SER A 99 36.43 -16.90 13.13
CA SER A 99 36.67 -16.86 14.56
C SER A 99 37.32 -18.13 15.10
N ALA A 100 37.45 -19.14 14.24
CA ALA A 100 37.87 -20.50 14.65
C ALA A 100 39.29 -20.65 15.27
N LEU A 101 39.93 -19.53 15.66
CA LEU A 101 41.10 -19.57 16.53
C LEU A 101 41.01 -18.58 17.69
N THR A 102 40.54 -17.37 17.42
CA THR A 102 40.23 -16.41 18.49
C THR A 102 39.09 -16.94 19.37
N GLY A 103 38.14 -17.63 18.73
CA GLY A 103 36.82 -17.88 19.32
C GLY A 103 35.90 -16.68 19.17
N ILE A 104 34.60 -16.90 19.39
CA ILE A 104 33.59 -15.82 19.41
C ILE A 104 33.39 -15.36 20.85
N PRO A 105 33.59 -14.07 21.11
CA PRO A 105 33.51 -13.55 22.46
C PRO A 105 32.10 -13.67 23.02
N LEU A 106 32.01 -13.90 24.32
CA LEU A 106 30.74 -14.15 24.98
C LEU A 106 29.73 -13.02 24.75
N PRO A 107 30.18 -11.75 24.78
CA PRO A 107 29.20 -10.68 24.58
C PRO A 107 28.60 -10.73 23.19
N LEU A 108 29.40 -11.10 22.20
CA LEU A 108 28.91 -11.22 20.84
C LEU A 108 27.90 -12.34 20.71
N ILE A 109 28.18 -13.48 21.36
CA ILE A 109 27.28 -14.64 21.35
C ILE A 109 25.90 -14.28 21.91
N LYS A 110 25.88 -13.71 23.11
CA LYS A 110 24.64 -13.21 23.74
C LYS A 110 23.90 -12.30 22.78
N SER A 111 24.61 -11.32 22.25
CA SER A 111 24.04 -10.31 21.40
C SER A 111 23.38 -10.96 20.21
N TYR A 112 24.10 -11.90 19.63
CA TYR A 112 23.62 -12.58 18.44
C TYR A 112 22.42 -13.46 18.73
N LEU A 113 22.51 -14.26 19.78
CA LEU A 113 21.38 -15.08 20.19
C LEU A 113 20.15 -14.19 20.46
N PHE A 114 20.37 -13.15 21.27
CA PHE A 114 19.30 -12.22 21.62
C PHE A 114 18.59 -11.68 20.38
N GLN A 115 19.36 -11.17 19.42
CA GLN A 115 18.79 -10.68 18.18
C GLN A 115 18.03 -11.76 17.42
N LEU A 116 18.67 -12.89 17.21
CA LEU A 116 18.01 -14.06 16.63
C LEU A 116 16.64 -14.28 17.29
N LEU A 117 16.61 -14.33 18.62
CA LEU A 117 15.35 -14.56 19.32
C LEU A 117 14.33 -13.43 19.07
N GLN A 118 14.80 -12.22 18.83
CA GLN A 118 13.87 -11.13 18.59
C GLN A 118 13.15 -11.32 17.26
N GLY A 119 13.95 -11.46 16.20
CA GLY A 119 13.46 -11.71 14.86
C GLY A 119 12.63 -12.96 14.80
N LEU A 120 13.07 -13.98 15.54
CA LEU A 120 12.29 -15.21 15.62
C LEU A 120 10.95 -15.03 16.34
N ALA A 121 10.97 -14.33 17.46
CA ALA A 121 9.73 -14.01 18.19
C ALA A 121 8.80 -13.24 17.28
N PHE A 122 9.39 -12.32 16.50
CA PHE A 122 8.61 -11.55 15.59
C PHE A 122 7.95 -12.44 14.54
N CYS A 123 8.73 -13.34 13.93
CA CYS A 123 8.22 -14.26 12.91
C CYS A 123 7.06 -15.03 13.48
N HIS A 124 7.28 -15.52 14.70
CA HIS A 124 6.31 -16.37 15.33
C HIS A 124 5.07 -15.59 15.71
N SER A 125 5.27 -14.33 16.08
CA SER A 125 4.18 -13.42 16.38
C SER A 125 3.36 -13.11 15.14
N HIS A 126 3.94 -13.32 13.97
CA HIS A 126 3.24 -13.08 12.72
C HIS A 126 2.92 -14.38 11.99
N ARG A 127 2.78 -15.45 12.76
CA ARG A 127 2.39 -16.74 12.25
C ARG A 127 3.28 -17.22 11.12
N VAL A 128 4.57 -16.95 11.23
CA VAL A 128 5.55 -17.44 10.25
C VAL A 128 6.64 -18.31 10.88
N LEU A 129 6.72 -19.56 10.42
CA LEU A 129 7.81 -20.45 10.80
C LEU A 129 8.93 -20.24 9.80
N HIS A 130 10.16 -20.20 10.28
CA HIS A 130 11.28 -20.11 9.35
C HIS A 130 11.62 -21.45 8.71
N ARG A 131 11.72 -22.47 9.56
CA ARG A 131 11.88 -23.84 9.13
C ARG A 131 13.18 -24.12 8.37
N ASP A 132 14.15 -23.23 8.54
CA ASP A 132 15.51 -23.52 8.12
C ASP A 132 16.51 -22.62 8.79
N LEU A 133 16.52 -22.61 10.12
CA LEU A 133 17.46 -21.79 10.85
C LEU A 133 18.84 -22.42 10.98
N LYS A 134 19.76 -22.00 10.11
CA LYS A 134 21.12 -22.48 10.18
C LYS A 134 22.05 -21.29 10.02
N PRO A 135 23.29 -21.43 10.52
CA PRO A 135 24.23 -20.32 10.52
C PRO A 135 24.40 -19.69 9.14
N GLN A 136 24.24 -20.50 8.09
CA GLN A 136 24.39 -20.02 6.72
C GLN A 136 23.23 -19.08 6.34
N ASN A 137 22.09 -19.21 7.03
CA ASN A 137 20.93 -18.34 6.81
C ASN A 137 20.76 -17.24 7.86
N LEU A 138 21.82 -16.93 8.58
CA LEU A 138 21.77 -15.87 9.57
C LEU A 138 22.83 -14.86 9.21
N LEU A 139 22.42 -13.71 8.68
CA LEU A 139 23.35 -12.75 8.15
C LEU A 139 23.78 -11.71 9.18
N ILE A 140 25.07 -11.38 9.19
CA ILE A 140 25.57 -10.33 10.06
C ILE A 140 26.07 -9.12 9.27
N ASN A 141 25.89 -7.94 9.85
CA ASN A 141 26.46 -6.73 9.27
C ASN A 141 27.71 -6.31 10.01
N THR A 142 28.30 -5.20 9.58
CA THR A 142 29.50 -4.68 10.23
C THR A 142 29.16 -3.90 11.50
N GLU A 143 27.88 -3.61 11.69
CA GLU A 143 27.43 -2.75 12.77
C GLU A 143 27.09 -3.49 14.05
N GLY A 144 27.04 -4.82 14.00
CA GLY A 144 26.70 -5.64 15.18
C GLY A 144 25.35 -6.34 15.08
N ALA A 145 24.66 -6.10 13.97
CA ALA A 145 23.39 -6.75 13.72
C ALA A 145 23.57 -8.19 13.18
N ILE A 146 22.70 -9.08 13.64
CA ILE A 146 22.47 -10.40 13.04
C ILE A 146 20.98 -10.52 12.65
N LYS A 147 20.71 -11.01 11.45
CA LYS A 147 19.34 -11.03 10.90
C LYS A 147 18.96 -12.37 10.33
N LEU A 148 17.77 -12.87 10.65
CA LEU A 148 17.26 -14.09 9.97
C LEU A 148 17.08 -13.83 8.48
N ALA A 149 17.62 -14.71 7.65
CA ALA A 149 17.50 -14.55 6.21
C ALA A 149 17.11 -15.84 5.56
N ASP A 150 16.91 -15.77 4.25
CA ASP A 150 16.51 -16.92 3.43
C ASP A 150 15.18 -17.52 3.87
N PHE A 151 14.09 -16.81 3.59
CA PHE A 151 12.76 -17.29 3.95
C PHE A 151 12.16 -18.22 2.91
N GLY A 152 13.07 -18.91 2.21
CA GLY A 152 12.72 -19.84 1.14
C GLY A 152 11.83 -20.95 1.63
N LEU A 153 12.11 -21.45 2.84
CA LEU A 153 11.41 -22.59 3.42
C LEU A 153 10.36 -22.24 4.44
N ALA A 154 10.18 -20.94 4.68
CA ALA A 154 9.24 -20.44 5.68
C ALA A 154 7.79 -20.78 5.32
N ARG A 155 6.88 -20.55 6.24
CA ARG A 155 5.49 -20.88 6.00
C ARG A 155 4.55 -20.13 6.94
N ALA A 156 3.48 -19.57 6.36
CA ALA A 156 2.41 -18.98 7.17
C ALA A 156 1.73 -20.16 7.85
N PHE A 157 1.63 -20.11 9.17
CA PHE A 157 0.92 -21.16 9.87
C PHE A 157 -0.36 -20.65 10.51
N GLY A 158 -1.31 -21.56 10.74
CA GLY A 158 -2.54 -21.24 11.42
C GLY A 158 -2.50 -21.72 12.86
N VAL A 159 -3.46 -21.27 13.66
CA VAL A 159 -3.56 -21.68 15.04
C VAL A 159 -4.86 -22.50 15.19
N PRO A 160 -4.75 -23.78 15.62
CA PRO A 160 -3.50 -24.52 15.78
C PRO A 160 -2.94 -24.89 14.42
N VAL A 161 -1.72 -25.37 14.40
CA VAL A 161 -1.08 -25.79 13.16
C VAL A 161 -1.80 -26.99 12.59
N ARG A 162 -1.79 -27.14 11.28
CA ARG A 162 -2.17 -28.42 10.71
C ARG A 162 -0.89 -29.11 10.22
N THR A 163 -0.99 -30.03 9.28
CA THR A 163 0.19 -30.70 8.81
C THR A 163 0.81 -29.90 7.67
N TYR A 164 2.12 -29.67 7.77
CA TYR A 164 2.90 -29.00 6.73
C TYR A 164 4.00 -29.93 6.23
N TPO A 165 4.83 -29.45 5.29
CA TPO A 165 5.84 -30.29 4.66
CB TPO A 165 6.72 -29.53 3.66
CG2 TPO A 165 6.63 -29.98 2.20
OG1 TPO A 165 6.54 -28.11 3.79
P TPO A 165 5.40 -27.15 3.16
O1P TPO A 165 4.84 -27.61 1.84
O2P TPO A 165 4.37 -27.22 4.25
O3P TPO A 165 6.18 -25.89 3.06
C TPO A 165 6.69 -30.97 5.69
O TPO A 165 6.96 -30.40 6.76
N HIS A 166 7.14 -32.17 5.38
CA HIS A 166 7.96 -32.93 6.32
C HIS A 166 9.45 -32.80 6.05
N GLU A 167 9.80 -32.75 4.77
CA GLU A 167 11.18 -32.53 4.33
C GLU A 167 11.57 -31.10 4.72
N VAL A 168 11.84 -30.89 6.01
CA VAL A 168 11.87 -29.55 6.59
C VAL A 168 12.98 -29.34 7.62
N VAL A 169 13.71 -28.23 7.46
CA VAL A 169 14.86 -27.84 8.32
C VAL A 169 16.10 -28.67 8.00
N THR A 170 17.20 -27.99 7.69
CA THR A 170 18.47 -28.68 7.48
C THR A 170 18.77 -29.64 8.63
N LEU A 171 19.07 -30.88 8.27
CA LEU A 171 19.22 -31.99 9.19
C LEU A 171 19.90 -31.65 10.50
N TRP A 172 21.05 -30.99 10.47
CA TRP A 172 21.77 -30.72 11.71
C TRP A 172 20.95 -29.96 12.74
N TYR A 173 19.90 -29.29 12.27
CA TYR A 173 19.15 -28.32 13.08
C TYR A 173 17.68 -28.71 13.17
N ARG A 174 17.38 -29.91 12.66
CA ARG A 174 16.02 -30.42 12.65
C ARG A 174 15.62 -30.94 14.02
N ALA A 175 14.48 -30.45 14.51
CA ALA A 175 13.91 -30.83 15.80
C ALA A 175 13.48 -32.32 15.86
N PRO A 176 13.62 -32.95 17.04
CA PRO A 176 13.21 -34.35 17.21
C PRO A 176 11.78 -34.63 16.78
N GLU A 177 10.87 -33.68 16.97
CA GLU A 177 9.49 -33.86 16.52
C GLU A 177 9.44 -34.14 15.04
N ILE A 178 10.31 -33.47 14.26
CA ILE A 178 10.29 -33.64 12.80
C ILE A 178 10.93 -34.98 12.48
N LEU A 179 12.08 -35.23 13.12
CA LEU A 179 12.77 -36.50 12.99
C LEU A 179 11.85 -37.67 13.36
N LEU A 180 11.06 -37.54 14.43
CA LEU A 180 10.19 -38.64 14.86
C LEU A 180 8.86 -38.68 14.14
N GLY A 181 8.77 -37.95 13.03
CA GLY A 181 7.62 -38.02 12.15
C GLY A 181 6.34 -37.49 12.77
N CYS A 182 6.46 -36.46 13.59
CA CYS A 182 5.28 -35.83 14.15
C CYS A 182 4.30 -35.34 13.07
N LYS A 183 3.03 -35.63 13.29
CA LYS A 183 1.94 -35.13 12.48
C LYS A 183 1.99 -33.58 12.39
N TYR A 184 2.16 -32.96 13.55
CA TYR A 184 2.10 -31.51 13.73
C TYR A 184 3.37 -31.02 14.34
N TYR A 185 3.96 -30.03 13.71
CA TYR A 185 5.04 -29.33 14.35
C TYR A 185 4.71 -27.85 14.30
N SER A 186 5.49 -27.10 15.05
CA SER A 186 5.15 -25.75 15.39
C SER A 186 6.38 -24.89 15.52
N THR A 187 6.20 -23.78 16.20
CA THR A 187 7.21 -22.78 16.40
C THR A 187 8.42 -23.38 17.10
N ALA A 188 8.17 -24.40 17.89
CA ALA A 188 9.23 -25.01 18.68
C ALA A 188 10.39 -25.52 17.82
N VAL A 189 10.13 -25.79 16.54
CA VAL A 189 11.18 -26.29 15.64
C VAL A 189 12.24 -25.21 15.41
N ASP A 190 11.82 -23.95 15.33
CA ASP A 190 12.75 -22.87 15.07
C ASP A 190 13.58 -22.63 16.33
N ILE A 191 12.97 -22.83 17.49
CA ILE A 191 13.71 -22.67 18.74
C ILE A 191 14.80 -23.71 18.84
N TRP A 192 14.47 -24.95 18.44
CA TRP A 192 15.43 -26.05 18.40
C TRP A 192 16.63 -25.63 17.58
N SER A 193 16.37 -25.32 16.31
CA SER A 193 17.41 -24.83 15.44
C SER A 193 18.26 -23.77 16.14
N LEU A 194 17.64 -22.79 16.77
CA LEU A 194 18.35 -21.74 17.49
C LEU A 194 19.21 -22.25 18.63
N GLY A 195 18.68 -23.23 19.39
CA GLY A 195 19.43 -23.85 20.47
C GLY A 195 20.73 -24.46 19.97
N CYS A 196 20.64 -25.20 18.86
CA CYS A 196 21.79 -25.76 18.18
C CYS A 196 22.79 -24.68 17.77
N ILE A 197 22.27 -23.67 17.09
CA ILE A 197 23.07 -22.54 16.65
C ILE A 197 23.75 -21.90 17.86
N PHE A 198 23.06 -21.91 19.01
CA PHE A 198 23.57 -21.26 20.21
C PHE A 198 24.74 -22.08 20.72
N ALA A 199 24.57 -23.40 20.71
CA ALA A 199 25.68 -24.30 21.09
C ALA A 199 26.82 -24.08 20.10
N GLU A 200 26.46 -24.02 18.82
CA GLU A 200 27.45 -23.89 17.75
C GLU A 200 28.32 -22.65 17.90
N MET A 201 27.70 -21.50 18.16
CA MET A 201 28.45 -20.26 18.38
C MET A 201 29.41 -20.37 19.57
N VAL A 202 29.14 -21.29 20.47
CA VAL A 202 30.00 -21.49 21.65
C VAL A 202 31.12 -22.49 21.36
N THR A 203 30.74 -23.67 20.86
CA THR A 203 31.67 -24.79 20.64
C THR A 203 32.38 -24.62 19.30
N ARG A 204 31.83 -23.72 18.47
CA ARG A 204 32.23 -23.52 17.07
C ARG A 204 32.15 -24.75 16.21
N ARG A 205 31.41 -25.74 16.67
CA ARG A 205 31.16 -26.96 15.93
C ARG A 205 29.66 -27.30 16.07
N ALA A 206 29.11 -27.98 15.07
CA ALA A 206 27.70 -28.34 15.14
C ALA A 206 27.43 -29.24 16.34
N LEU A 207 26.29 -29.02 16.99
CA LEU A 207 25.94 -29.82 18.13
C LEU A 207 25.64 -31.22 17.66
N PHE A 208 24.86 -31.34 16.59
CA PHE A 208 24.46 -32.65 16.12
C PHE A 208 24.72 -32.85 14.63
N PRO A 209 26.00 -33.03 14.26
CA PRO A 209 26.26 -33.12 12.83
C PRO A 209 25.97 -34.53 12.31
N GLY A 210 24.72 -34.96 12.34
CA GLY A 210 24.39 -36.28 11.86
C GLY A 210 24.30 -36.28 10.36
N ASP A 211 24.52 -37.44 9.73
CA ASP A 211 24.31 -37.56 8.28
C ASP A 211 23.12 -38.42 7.85
N SER A 212 22.19 -38.64 8.77
CA SER A 212 20.89 -39.16 8.37
C SER A 212 19.90 -38.96 9.50
N GLU A 213 18.63 -39.14 9.19
CA GLU A 213 17.63 -38.93 10.20
C GLU A 213 17.89 -39.76 11.46
N ILE A 214 18.11 -41.06 11.29
CA ILE A 214 18.31 -41.92 12.46
C ILE A 214 19.60 -41.56 13.20
N ASP A 215 20.64 -41.19 12.45
CA ASP A 215 21.91 -40.79 13.03
C ASP A 215 21.70 -39.54 13.88
N GLN A 216 21.03 -38.55 13.27
CA GLN A 216 20.60 -37.32 13.93
C GLN A 216 19.87 -37.62 15.22
N LEU A 217 18.81 -38.41 15.14
CA LEU A 217 18.10 -38.82 16.32
C LEU A 217 19.06 -39.25 17.40
N PHE A 218 19.88 -40.26 17.06
CA PHE A 218 20.77 -40.93 18.01
C PHE A 218 21.81 -39.98 18.54
N ARG A 219 22.31 -39.10 17.69
CA ARG A 219 23.20 -38.03 18.16
C ARG A 219 22.57 -37.19 19.28
N ILE A 220 21.33 -36.77 19.01
CA ILE A 220 20.54 -36.01 19.96
C ILE A 220 20.31 -36.81 21.24
N PHE A 221 19.87 -38.06 21.08
CA PHE A 221 19.58 -38.92 22.23
C PHE A 221 20.81 -39.14 23.08
N ARG A 222 21.97 -39.25 22.44
CA ARG A 222 23.18 -39.47 23.21
C ARG A 222 23.52 -38.24 24.03
N THR A 223 23.25 -37.04 23.50
CA THR A 223 23.53 -35.82 24.23
C THR A 223 22.50 -35.52 25.32
N LEU A 224 21.21 -35.51 24.95
CA LEU A 224 20.14 -35.08 25.84
C LEU A 224 19.41 -36.21 26.50
N GLY A 225 19.74 -37.43 26.11
CA GLY A 225 19.15 -38.62 26.70
C GLY A 225 18.05 -39.11 25.81
N THR A 226 17.85 -40.42 25.76
CA THR A 226 16.76 -40.94 24.95
C THR A 226 15.49 -40.53 25.67
N PRO A 227 14.59 -39.85 24.97
CA PRO A 227 13.35 -39.41 25.62
C PRO A 227 12.45 -40.58 25.98
N ASP A 228 11.78 -40.49 27.13
CA ASP A 228 10.73 -41.46 27.47
C ASP A 228 9.42 -40.72 27.63
N GLU A 229 8.41 -41.45 28.08
CA GLU A 229 7.09 -40.87 28.33
C GLU A 229 7.08 -39.88 29.51
N VAL A 230 8.09 -39.96 30.37
CA VAL A 230 8.23 -38.99 31.46
C VAL A 230 8.71 -37.65 30.92
N VAL A 231 9.87 -37.63 30.27
CA VAL A 231 10.40 -36.37 29.75
C VAL A 231 9.55 -35.81 28.58
N TRP A 232 8.91 -36.70 27.83
CA TRP A 232 8.22 -36.26 26.62
C TRP A 232 7.01 -37.13 26.34
N PRO A 233 5.86 -36.78 26.94
CA PRO A 233 4.72 -37.66 26.83
C PRO A 233 4.32 -37.85 25.37
N GLY A 234 3.96 -39.08 25.00
CA GLY A 234 3.60 -39.42 23.65
C GLY A 234 4.74 -39.82 22.72
N VAL A 235 6.00 -39.72 23.17
CA VAL A 235 7.16 -40.11 22.34
C VAL A 235 6.99 -41.52 21.81
N THR A 236 6.82 -42.46 22.74
CA THR A 236 6.83 -43.86 22.42
C THR A 236 5.63 -44.18 21.54
N SER A 237 4.86 -43.14 21.22
CA SER A 237 3.68 -43.29 20.40
C SER A 237 3.85 -42.72 18.99
N MET A 238 4.94 -41.99 18.76
CA MET A 238 5.16 -41.28 17.48
C MET A 238 5.49 -42.21 16.31
N PRO A 239 5.18 -41.78 15.06
CA PRO A 239 5.16 -42.70 13.92
C PRO A 239 6.51 -43.38 13.67
N ASP A 240 7.57 -42.67 14.04
CA ASP A 240 8.93 -43.14 13.80
C ASP A 240 9.67 -43.39 15.08
N TYR A 241 8.93 -43.50 16.16
CA TYR A 241 9.50 -44.01 17.39
C TYR A 241 9.64 -45.51 17.30
N LYS A 242 10.86 -46.01 17.49
CA LYS A 242 11.05 -47.44 17.62
C LYS A 242 11.33 -47.78 19.09
N PRO A 243 10.60 -48.77 19.66
CA PRO A 243 10.91 -49.25 21.03
C PRO A 243 12.35 -49.74 21.15
N SER A 244 12.88 -50.25 20.04
CA SER A 244 14.26 -50.73 19.95
C SER A 244 15.35 -49.65 20.07
N PHE A 245 15.00 -48.40 20.34
CA PHE A 245 16.00 -47.34 20.44
C PHE A 245 16.93 -47.60 21.60
N PRO A 246 18.24 -47.42 21.37
CA PRO A 246 19.16 -47.52 22.50
C PRO A 246 18.77 -46.44 23.51
N LYS A 247 18.91 -46.72 24.80
CA LYS A 247 18.36 -45.80 25.78
C LYS A 247 19.46 -45.11 26.57
N TRP A 248 19.87 -43.94 26.09
CA TRP A 248 21.01 -43.26 26.69
C TRP A 248 20.65 -42.35 27.83
N ALA A 249 21.51 -42.34 28.84
CA ALA A 249 21.42 -41.38 29.90
C ALA A 249 21.66 -39.98 29.33
N ARG A 250 20.87 -39.02 29.80
CA ARG A 250 21.12 -37.62 29.50
C ARG A 250 22.45 -37.19 30.13
N GLN A 251 23.33 -36.63 29.31
CA GLN A 251 24.61 -36.08 29.79
C GLN A 251 24.34 -34.93 30.75
N ASP A 252 25.24 -34.77 31.73
CA ASP A 252 25.33 -33.53 32.51
C ASP A 252 25.50 -32.41 31.48
N PHE A 253 24.60 -31.43 31.54
CA PHE A 253 24.51 -30.37 30.53
C PHE A 253 25.71 -29.42 30.53
N SER A 254 26.45 -29.41 31.63
CA SER A 254 27.70 -28.65 31.68
C SER A 254 28.72 -29.31 30.77
N LYS A 255 28.39 -30.51 30.31
CA LYS A 255 29.33 -31.24 29.47
C LYS A 255 28.99 -31.06 27.99
N VAL A 256 27.71 -30.90 27.68
CA VAL A 256 27.25 -30.61 26.33
C VAL A 256 27.97 -29.40 25.73
N VAL A 257 28.05 -28.32 26.51
CA VAL A 257 28.63 -27.03 26.07
C VAL A 257 29.52 -26.45 27.19
N PRO A 258 30.71 -27.06 27.39
CA PRO A 258 31.53 -26.73 28.58
C PRO A 258 31.79 -25.25 28.94
N PRO A 259 32.09 -24.38 27.97
CA PRO A 259 32.38 -23.01 28.41
C PRO A 259 31.18 -22.20 28.88
N LEU A 260 29.98 -22.58 28.45
CA LEU A 260 28.76 -21.89 28.83
C LEU A 260 28.59 -21.85 30.33
N ASP A 261 28.19 -20.69 30.85
CA ASP A 261 28.53 -20.35 32.22
C ASP A 261 27.49 -20.59 33.30
N GLU A 262 26.28 -20.99 32.91
CA GLU A 262 25.19 -21.41 33.83
C GLU A 262 23.85 -20.73 33.54
N ASP A 263 23.89 -19.47 33.16
CA ASP A 263 22.67 -18.86 32.65
C ASP A 263 22.42 -19.43 31.27
N GLY A 264 23.47 -19.46 30.44
CA GLY A 264 23.41 -20.06 29.12
C GLY A 264 22.94 -21.51 29.14
N ARG A 265 23.47 -22.27 30.09
CA ARG A 265 23.14 -23.68 30.24
C ARG A 265 21.66 -23.82 30.45
N SER A 266 21.13 -23.04 31.38
CA SER A 266 19.70 -22.97 31.62
C SER A 266 18.95 -22.67 30.32
N LEU A 267 19.38 -21.62 29.62
CA LEU A 267 18.70 -21.22 28.44
C LEU A 267 18.72 -22.36 27.44
N LEU A 268 19.92 -22.82 27.10
CA LEU A 268 20.07 -23.86 26.09
C LEU A 268 19.19 -25.04 26.47
N SER A 269 19.31 -25.44 27.73
CA SER A 269 18.54 -26.54 28.27
C SER A 269 17.07 -26.45 27.86
N GLN A 270 16.51 -25.24 27.93
CA GLN A 270 15.09 -25.03 27.63
C GLN A 270 14.80 -24.85 26.15
N MET A 271 15.78 -24.39 25.41
CA MET A 271 15.67 -24.38 23.96
C MET A 271 15.69 -25.80 23.37
N LEU A 272 16.42 -26.71 24.03
CA LEU A 272 16.59 -28.08 23.55
C LEU A 272 15.69 -29.07 24.30
N HIS A 273 14.61 -28.59 24.89
CA HIS A 273 13.69 -29.50 25.54
C HIS A 273 13.01 -30.39 24.48
N TYR A 274 12.93 -31.69 24.77
CA TYR A 274 12.36 -32.66 23.83
C TYR A 274 10.93 -32.34 23.49
N ASP A 275 10.17 -31.95 24.51
CA ASP A 275 8.75 -31.67 24.36
C ASP A 275 8.54 -30.29 23.76
N PRO A 276 8.06 -30.21 22.51
CA PRO A 276 7.81 -28.92 21.87
C PRO A 276 6.96 -28.01 22.76
N ASN A 277 6.02 -28.58 23.51
CA ASN A 277 5.29 -27.81 24.48
C ASN A 277 6.20 -27.08 25.45
N LYS A 278 6.84 -27.83 26.35
CA LYS A 278 7.75 -27.28 27.34
C LYS A 278 8.90 -26.47 26.75
N ARG A 279 9.19 -26.63 25.47
CA ARG A 279 10.36 -25.97 24.90
C ARG A 279 10.15 -24.45 24.83
N ILE A 280 11.09 -23.69 25.39
CA ILE A 280 10.92 -22.26 25.55
C ILE A 280 10.60 -21.58 24.22
N SER A 281 9.85 -20.47 24.27
CA SER A 281 9.50 -19.72 23.07
C SER A 281 10.44 -18.52 22.90
N ALA A 282 10.69 -18.13 21.64
CA ALA A 282 11.51 -16.96 21.37
C ALA A 282 11.12 -15.80 22.30
N LYS A 283 9.82 -15.55 22.45
CA LYS A 283 9.26 -14.50 23.29
C LYS A 283 9.74 -14.62 24.73
N ALA A 284 9.52 -15.80 25.31
CA ALA A 284 9.84 -16.02 26.70
C ALA A 284 11.35 -15.89 26.89
N ALA A 285 12.11 -16.47 25.96
CA ALA A 285 13.56 -16.52 26.04
C ALA A 285 14.22 -15.18 26.23
N LEU A 286 13.68 -14.13 25.61
CA LEU A 286 14.28 -12.79 25.66
C LEU A 286 14.46 -12.33 27.08
N ALA A 287 13.59 -12.83 27.97
CA ALA A 287 13.58 -12.41 29.36
C ALA A 287 14.55 -13.19 30.23
N HIS A 288 15.36 -14.06 29.61
CA HIS A 288 16.13 -15.01 30.35
C HIS A 288 17.33 -14.32 31.04
N PRO A 289 17.61 -14.72 32.29
CA PRO A 289 18.75 -14.13 33.00
C PRO A 289 20.06 -14.16 32.19
N PHE A 290 20.19 -15.12 31.27
CA PHE A 290 21.34 -15.13 30.37
C PHE A 290 21.57 -13.76 29.73
N PHE A 291 20.50 -13.09 29.30
CA PHE A 291 20.63 -11.80 28.65
C PHE A 291 20.61 -10.59 29.59
N GLN A 292 20.57 -10.82 30.90
CA GLN A 292 20.51 -9.72 31.85
C GLN A 292 21.44 -8.55 31.56
N ASP A 293 22.54 -8.77 30.85
CA ASP A 293 23.57 -7.75 30.65
C ASP A 293 23.99 -7.63 29.20
N VAL A 294 23.09 -8.01 28.30
CA VAL A 294 23.37 -8.01 26.88
C VAL A 294 23.58 -6.57 26.35
N THR A 295 24.61 -6.40 25.53
CA THR A 295 24.67 -5.28 24.58
C THR A 295 24.70 -5.89 23.21
N LYS A 296 24.79 -5.04 22.21
CA LYS A 296 24.85 -5.52 20.85
C LYS A 296 26.05 -4.92 20.14
N PRO A 297 27.26 -5.43 20.47
CA PRO A 297 28.48 -4.89 19.90
C PRO A 297 28.72 -5.30 18.44
N VAL A 298 29.76 -4.70 17.86
CA VAL A 298 30.26 -4.95 16.52
C VAL A 298 31.04 -6.26 16.53
N PRO A 299 30.99 -7.03 15.42
CA PRO A 299 31.86 -8.20 15.38
C PRO A 299 33.32 -7.75 15.15
N HIS A 300 34.26 -8.70 15.08
CA HIS A 300 35.65 -8.39 14.65
C HIS A 300 36.05 -9.04 13.29
N LEU A 301 35.89 -8.27 12.21
CA LEU A 301 36.34 -8.64 10.86
C LEU A 301 37.42 -7.66 10.35
N VAL B 2 -0.74 -25.69 20.79
CA VAL B 2 -0.33 -24.56 19.88
C VAL B 2 -0.89 -23.18 20.36
N PRO B 3 -0.24 -22.57 21.39
CA PRO B 3 -0.56 -21.23 21.78
C PRO B 3 0.63 -20.28 21.63
N ASP B 4 0.57 -19.17 22.39
CA ASP B 4 1.73 -18.41 22.96
C ASP B 4 1.85 -16.88 22.88
N TYR B 5 1.75 -16.17 21.74
CA TYR B 5 1.46 -16.53 20.31
C TYR B 5 0.02 -16.53 19.88
N HIS B 6 -0.83 -17.32 20.54
CA HIS B 6 -2.27 -17.33 20.24
C HIS B 6 -2.82 -15.91 20.03
N GLU B 7 -2.66 -15.08 21.06
CA GLU B 7 -3.21 -13.73 21.10
C GLU B 7 -2.51 -12.83 20.11
N ASP B 8 -1.18 -12.87 20.09
CA ASP B 8 -0.40 -12.04 19.17
C ASP B 8 -0.89 -12.25 17.75
N ILE B 9 -0.97 -13.52 17.34
CA ILE B 9 -1.37 -13.87 15.99
C ILE B 9 -2.78 -13.36 15.67
N HIS B 10 -3.71 -13.58 16.60
CA HIS B 10 -5.06 -13.10 16.43
C HIS B 10 -5.05 -11.57 16.26
N THR B 11 -4.40 -10.88 17.18
CA THR B 11 -4.24 -9.45 17.04
C THR B 11 -3.68 -9.10 15.67
N TYR B 12 -2.66 -9.82 15.22
CA TYR B 12 -2.08 -9.56 13.90
C TYR B 12 -3.04 -9.79 12.72
N LEU B 13 -3.78 -10.89 12.76
CA LEU B 13 -4.70 -11.22 11.69
C LEU B 13 -5.83 -10.20 11.68
N ARG B 14 -6.23 -9.76 12.87
CA ARG B 14 -7.27 -8.75 12.98
C ARG B 14 -6.89 -7.47 12.23
N GLU B 15 -5.63 -7.08 12.32
CA GLU B 15 -5.17 -5.92 11.58
C GLU B 15 -5.06 -6.19 10.08
N MET B 16 -4.51 -7.35 9.68
CA MET B 16 -4.34 -7.66 8.27
C MET B 16 -5.68 -7.87 7.57
N GLU B 17 -6.65 -8.35 8.33
CA GLU B 17 -8.03 -8.49 7.88
C GLU B 17 -8.48 -7.26 7.13
N VAL B 18 -8.39 -6.10 7.79
CA VAL B 18 -8.64 -4.81 7.16
C VAL B 18 -7.69 -4.54 5.97
N LYS B 19 -6.38 -4.52 6.23
CA LYS B 19 -5.39 -4.39 5.16
C LYS B 19 -5.68 -5.24 3.91
N CYS B 20 -6.44 -6.33 4.09
CA CYS B 20 -6.62 -7.34 3.03
C CYS B 20 -8.03 -7.47 2.52
N LYS B 21 -8.96 -6.74 3.12
CA LYS B 21 -10.35 -6.78 2.72
C LYS B 21 -10.49 -6.29 1.26
N PRO B 22 -11.27 -7.04 0.44
CA PRO B 22 -11.75 -6.60 -0.87
C PRO B 22 -12.59 -5.32 -0.79
N LYS B 23 -12.80 -4.67 -1.93
CA LYS B 23 -13.69 -3.54 -2.03
C LYS B 23 -15.13 -4.06 -1.99
N VAL B 24 -15.95 -3.58 -1.05
CA VAL B 24 -17.31 -4.09 -0.88
C VAL B 24 -18.17 -3.97 -2.13
N GLY B 25 -18.06 -2.85 -2.82
CA GLY B 25 -18.89 -2.62 -4.01
C GLY B 25 -18.38 -3.23 -5.30
N TYR B 26 -17.20 -3.82 -5.27
CA TYR B 26 -16.45 -4.04 -6.52
C TYR B 26 -17.27 -4.50 -7.71
N MET B 27 -18.35 -5.25 -7.48
CA MET B 27 -19.08 -5.88 -8.59
C MET B 27 -19.89 -4.90 -9.43
N LYS B 28 -20.48 -3.92 -8.73
CA LYS B 28 -21.09 -2.76 -9.36
C LYS B 28 -20.17 -2.12 -10.41
N LYS B 29 -18.85 -2.18 -10.19
CA LYS B 29 -17.89 -1.52 -11.06
C LYS B 29 -17.35 -2.46 -12.13
N GLN B 30 -17.82 -3.70 -12.14
CA GLN B 30 -17.38 -4.67 -13.13
C GLN B 30 -18.42 -4.77 -14.25
N PRO B 31 -18.17 -4.09 -15.38
CA PRO B 31 -19.15 -4.02 -16.47
C PRO B 31 -19.69 -5.39 -16.89
N ASP B 32 -18.79 -6.33 -17.17
CA ASP B 32 -19.16 -7.58 -17.80
C ASP B 32 -19.41 -8.77 -16.85
N ILE B 33 -19.16 -8.60 -15.54
CA ILE B 33 -19.39 -9.70 -14.57
C ILE B 33 -20.26 -9.29 -13.38
N THR B 34 -20.86 -10.30 -12.72
CA THR B 34 -21.87 -10.12 -11.68
C THR B 34 -21.58 -11.08 -10.54
N ASN B 35 -22.07 -10.74 -9.35
CA ASN B 35 -22.01 -11.62 -8.19
C ASN B 35 -22.40 -13.04 -8.56
N SER B 36 -23.36 -13.12 -9.46
CA SER B 36 -23.93 -14.37 -9.91
C SER B 36 -22.86 -15.22 -10.60
N MET B 37 -22.08 -14.62 -11.50
CA MET B 37 -21.00 -15.34 -12.19
C MET B 37 -19.86 -15.67 -11.26
N ARG B 38 -19.64 -14.80 -10.28
CA ARG B 38 -18.62 -15.01 -9.27
C ARG B 38 -18.97 -16.25 -8.48
N ALA B 39 -20.23 -16.31 -8.04
CA ALA B 39 -20.75 -17.44 -7.29
C ALA B 39 -20.43 -18.71 -8.06
N ILE B 40 -20.76 -18.71 -9.35
CA ILE B 40 -20.42 -19.83 -10.20
C ILE B 40 -18.92 -20.17 -10.09
N LEU B 41 -18.06 -19.15 -10.17
CA LEU B 41 -16.61 -19.36 -10.05
C LEU B 41 -16.24 -19.97 -8.72
N VAL B 42 -16.75 -19.37 -7.66
CA VAL B 42 -16.40 -19.81 -6.33
C VAL B 42 -16.87 -21.23 -6.15
N ASP B 43 -18.10 -21.50 -6.62
CA ASP B 43 -18.71 -22.84 -6.55
C ASP B 43 -17.82 -23.80 -7.29
N TRP B 44 -17.44 -23.42 -8.51
CA TRP B 44 -16.49 -24.18 -9.30
C TRP B 44 -15.18 -24.47 -8.55
N LEU B 45 -14.67 -23.48 -7.82
CA LEU B 45 -13.41 -23.66 -7.10
C LEU B 45 -13.53 -24.66 -5.96
N VAL B 46 -14.71 -24.71 -5.34
CA VAL B 46 -15.00 -25.67 -4.27
C VAL B 46 -14.89 -27.07 -4.84
N GLU B 47 -15.51 -27.25 -6.02
CA GLU B 47 -15.53 -28.51 -6.75
C GLU B 47 -14.11 -28.94 -7.00
N VAL B 48 -13.34 -28.04 -7.60
CA VAL B 48 -11.90 -28.23 -7.78
C VAL B 48 -11.19 -28.60 -6.47
N GLY B 49 -11.33 -27.77 -5.45
CA GLY B 49 -10.80 -28.08 -4.13
C GLY B 49 -11.05 -29.52 -3.73
N GLU B 50 -12.32 -29.94 -3.82
CA GLU B 50 -12.68 -31.34 -3.54
C GLU B 50 -11.96 -32.27 -4.51
N GLU B 51 -12.14 -32.00 -5.80
CA GLU B 51 -11.49 -32.79 -6.83
C GLU B 51 -10.04 -33.07 -6.43
N TYR B 52 -9.25 -32.03 -6.20
CA TYR B 52 -7.82 -32.21 -5.91
C TYR B 52 -7.50 -32.44 -4.45
N LYS B 53 -8.52 -32.51 -3.60
CA LYS B 53 -8.31 -32.76 -2.19
C LYS B 53 -7.43 -31.68 -1.54
N LEU B 54 -7.73 -30.41 -1.86
CA LEU B 54 -6.91 -29.30 -1.39
C LEU B 54 -7.52 -28.72 -0.14
N GLN B 55 -6.67 -28.16 0.71
CA GLN B 55 -7.09 -27.54 1.98
C GLN B 55 -8.24 -26.56 1.79
N ASN B 56 -9.14 -26.50 2.77
CA ASN B 56 -10.19 -25.48 2.75
C ASN B 56 -9.58 -24.08 2.76
N GLU B 57 -8.49 -23.93 3.52
CA GLU B 57 -7.71 -22.70 3.58
C GLU B 57 -7.32 -22.16 2.19
N THR B 58 -6.81 -23.05 1.36
CA THR B 58 -6.53 -22.80 -0.05
C THR B 58 -7.72 -22.24 -0.82
N LEU B 59 -8.90 -22.78 -0.58
CA LEU B 59 -10.14 -22.30 -1.21
C LEU B 59 -10.39 -20.88 -0.75
N HIS B 60 -10.33 -20.69 0.56
CA HIS B 60 -10.46 -19.36 1.17
C HIS B 60 -9.43 -18.36 0.69
N LEU B 61 -8.20 -18.81 0.47
CA LEU B 61 -7.16 -17.92 -0.04
C LEU B 61 -7.44 -17.48 -1.46
N ALA B 62 -7.81 -18.43 -2.31
CA ALA B 62 -8.16 -18.14 -3.69
C ALA B 62 -9.22 -17.05 -3.81
N VAL B 63 -10.32 -17.22 -3.09
CA VAL B 63 -11.46 -16.31 -3.15
C VAL B 63 -11.05 -14.90 -2.67
N ASN B 64 -10.26 -14.82 -1.60
CA ASN B 64 -9.66 -13.56 -1.19
C ASN B 64 -8.91 -12.91 -2.37
N TYR B 65 -8.12 -13.72 -3.08
CA TYR B 65 -7.37 -13.25 -4.24
C TYR B 65 -8.27 -12.70 -5.32
N ILE B 66 -9.23 -13.52 -5.75
CA ILE B 66 -10.11 -13.13 -6.84
C ILE B 66 -10.78 -11.82 -6.48
N ASP B 67 -11.41 -11.79 -5.30
CA ASP B 67 -12.12 -10.61 -4.84
C ASP B 67 -11.24 -9.38 -4.77
N ARG B 68 -9.98 -9.56 -4.36
CA ARG B 68 -9.05 -8.47 -4.31
C ARG B 68 -8.66 -8.06 -5.71
N PHE B 69 -8.38 -9.05 -6.55
CA PHE B 69 -8.02 -8.80 -7.95
C PHE B 69 -9.16 -8.08 -8.67
N LEU B 70 -10.38 -8.57 -8.46
CA LEU B 70 -11.54 -7.98 -9.14
C LEU B 70 -11.87 -6.60 -8.56
N SER B 71 -11.46 -6.35 -7.32
CA SER B 71 -11.65 -5.02 -6.75
C SER B 71 -10.91 -3.92 -7.50
N SER B 72 -9.96 -4.28 -8.35
CA SER B 72 -9.18 -3.28 -9.08
C SER B 72 -8.85 -3.64 -10.54
N MET B 73 -9.41 -4.72 -11.07
CA MET B 73 -9.18 -5.08 -12.48
C MET B 73 -10.47 -5.50 -13.16
N SER B 74 -10.86 -4.79 -14.21
CA SER B 74 -12.02 -5.23 -14.98
C SER B 74 -11.63 -6.49 -15.69
N VAL B 75 -12.56 -7.43 -15.71
CA VAL B 75 -12.39 -8.70 -16.42
C VAL B 75 -13.67 -9.08 -17.17
N LEU B 76 -13.50 -9.49 -18.42
CA LEU B 76 -14.61 -10.00 -19.23
C LEU B 76 -15.01 -11.38 -18.75
N ARG B 77 -16.31 -11.68 -18.77
CA ARG B 77 -16.77 -13.04 -18.38
C ARG B 77 -15.88 -14.13 -18.97
N GLY B 78 -15.41 -13.93 -20.20
CA GLY B 78 -14.62 -14.95 -20.90
C GLY B 78 -13.27 -15.26 -20.28
N LYS B 79 -12.86 -14.44 -19.31
CA LYS B 79 -11.53 -14.56 -18.69
C LYS B 79 -11.63 -14.68 -17.18
N LEU B 80 -12.85 -14.50 -16.65
CA LEU B 80 -13.07 -14.64 -15.21
C LEU B 80 -12.55 -15.99 -14.65
N GLN B 81 -12.67 -17.06 -15.42
CA GLN B 81 -12.24 -18.39 -14.99
C GLN B 81 -10.72 -18.49 -14.95
N LEU B 82 -10.07 -17.75 -15.84
CA LEU B 82 -8.62 -17.73 -15.89
C LEU B 82 -8.12 -17.13 -14.59
N VAL B 83 -8.75 -16.01 -14.22
CA VAL B 83 -8.43 -15.32 -12.98
C VAL B 83 -8.63 -16.30 -11.86
N GLY B 84 -9.73 -17.04 -11.93
CA GLY B 84 -10.03 -18.09 -10.95
C GLY B 84 -8.94 -19.11 -10.77
N THR B 85 -8.53 -19.75 -11.86
CA THR B 85 -7.48 -20.77 -11.78
C THR B 85 -6.17 -20.19 -11.30
N ALA B 86 -5.74 -19.06 -11.86
CA ALA B 86 -4.48 -18.48 -11.42
C ALA B 86 -4.48 -18.25 -9.91
N ALA B 87 -5.62 -17.74 -9.44
CA ALA B 87 -5.88 -17.51 -8.04
C ALA B 87 -5.75 -18.82 -7.26
N MET B 88 -6.40 -19.86 -7.75
CA MET B 88 -6.31 -21.17 -7.12
C MET B 88 -4.88 -21.73 -7.18
N LEU B 89 -4.19 -21.48 -8.28
CA LEU B 89 -2.84 -21.97 -8.47
C LEU B 89 -1.92 -21.33 -7.43
N LEU B 90 -2.07 -20.01 -7.25
CA LEU B 90 -1.26 -19.29 -6.29
C LEU B 90 -1.64 -19.71 -4.90
N ALA B 91 -2.94 -19.78 -4.63
CA ALA B 91 -3.39 -20.24 -3.32
C ALA B 91 -2.73 -21.58 -3.05
N SER B 92 -2.89 -22.53 -3.97
CA SER B 92 -2.22 -23.82 -3.91
C SER B 92 -0.72 -23.70 -3.61
N LYS B 93 0.02 -22.97 -4.44
CA LYS B 93 1.44 -22.77 -4.23
C LYS B 93 1.79 -22.20 -2.84
N PHE B 94 0.93 -21.35 -2.31
CA PHE B 94 1.14 -20.79 -0.98
C PHE B 94 0.87 -21.81 0.14
N GLU B 95 -0.32 -22.39 0.13
CA GLU B 95 -0.82 -23.16 1.25
C GLU B 95 -0.50 -24.65 1.23
N GLU B 96 -0.45 -25.26 0.06
CA GLU B 96 -0.44 -26.73 -0.07
C GLU B 96 0.90 -27.39 0.09
N ILE B 97 0.94 -28.54 0.76
CA ILE B 97 2.18 -29.32 0.78
C ILE B 97 2.55 -29.69 -0.64
N TYR B 98 1.62 -30.28 -1.39
CA TYR B 98 1.83 -30.55 -2.83
C TYR B 98 0.80 -29.85 -3.69
N PRO B 99 1.16 -28.68 -4.25
CA PRO B 99 0.21 -28.02 -5.14
C PRO B 99 0.09 -28.81 -6.45
N PRO B 100 -1.12 -28.90 -7.00
CA PRO B 100 -1.29 -29.45 -8.35
C PRO B 100 -0.44 -28.68 -9.32
N GLU B 101 0.12 -29.38 -10.32
CA GLU B 101 0.98 -28.69 -11.26
C GLU B 101 0.15 -27.89 -12.22
N VAL B 102 0.78 -26.90 -12.84
CA VAL B 102 0.07 -25.93 -13.67
C VAL B 102 -0.87 -26.63 -14.64
N ALA B 103 -0.34 -27.59 -15.40
CA ALA B 103 -1.13 -28.43 -16.30
C ALA B 103 -2.52 -28.84 -15.76
N GLU B 104 -2.56 -29.17 -14.48
CA GLU B 104 -3.79 -29.61 -13.82
C GLU B 104 -4.84 -28.52 -13.80
N PHE B 105 -4.41 -27.28 -13.63
CA PHE B 105 -5.31 -26.14 -13.60
C PHE B 105 -5.82 -25.80 -14.98
N VAL B 106 -4.97 -25.99 -16.00
CA VAL B 106 -5.39 -25.88 -17.41
C VAL B 106 -6.44 -26.94 -17.68
N TYR B 107 -6.14 -28.16 -17.22
CA TYR B 107 -6.98 -29.31 -17.43
C TYR B 107 -8.37 -29.19 -16.79
N ILE B 108 -8.46 -28.56 -15.62
CA ILE B 108 -9.76 -28.43 -14.92
C ILE B 108 -10.64 -27.32 -15.49
N THR B 109 -10.18 -26.68 -16.54
CA THR B 109 -11.00 -25.72 -17.24
C THR B 109 -11.47 -26.39 -18.54
N ASP B 110 -11.26 -27.71 -18.61
CA ASP B 110 -11.43 -28.50 -19.85
C ASP B 110 -10.77 -27.77 -21.01
N ASP B 111 -9.51 -27.41 -20.79
CA ASP B 111 -8.63 -26.74 -21.77
C ASP B 111 -9.07 -25.38 -22.30
N THR B 112 -9.86 -24.64 -21.53
CA THR B 112 -10.31 -23.31 -21.94
C THR B 112 -9.19 -22.26 -22.08
N TYR B 113 -8.06 -22.48 -21.39
CA TYR B 113 -6.90 -21.59 -21.50
C TYR B 113 -5.66 -22.44 -21.67
N THR B 114 -4.51 -21.79 -21.81
CA THR B 114 -3.26 -22.53 -22.03
C THR B 114 -2.34 -22.40 -20.81
N LYS B 115 -1.42 -23.37 -20.62
CA LYS B 115 -0.37 -23.22 -19.60
C LYS B 115 0.25 -21.82 -19.64
N LYS B 116 0.35 -21.25 -20.82
CA LYS B 116 0.98 -19.96 -21.01
C LYS B 116 0.03 -18.88 -20.54
N GLN B 117 -1.26 -19.09 -20.74
CA GLN B 117 -2.22 -18.09 -20.28
C GLN B 117 -2.33 -18.09 -18.76
N VAL B 118 -2.29 -19.28 -18.19
CA VAL B 118 -2.47 -19.47 -16.77
C VAL B 118 -1.30 -18.85 -16.01
N LEU B 119 -0.09 -19.14 -16.48
CA LEU B 119 1.14 -18.57 -15.94
C LEU B 119 1.16 -17.05 -16.03
N ARG B 120 0.80 -16.52 -17.21
CA ARG B 120 0.80 -15.08 -17.44
C ARG B 120 -0.26 -14.40 -16.59
N MET B 121 -1.39 -15.07 -16.41
CA MET B 121 -2.39 -14.61 -15.46
C MET B 121 -1.86 -14.68 -14.03
N GLU B 122 -1.07 -15.72 -13.73
CA GLU B 122 -0.43 -15.84 -12.42
C GLU B 122 0.46 -14.64 -12.12
N HIS B 123 1.30 -14.24 -13.07
CA HIS B 123 2.11 -13.05 -12.90
C HIS B 123 1.22 -11.87 -12.62
N LEU B 124 0.23 -11.67 -13.49
CA LEU B 124 -0.63 -10.50 -13.39
C LEU B 124 -1.16 -10.40 -11.97
N VAL B 125 -1.68 -11.51 -11.45
CA VAL B 125 -2.28 -11.55 -10.12
C VAL B 125 -1.25 -11.22 -9.05
N LEU B 126 -0.06 -11.78 -9.16
CA LEU B 126 0.98 -11.45 -8.22
C LEU B 126 1.32 -9.98 -8.29
N LYS B 127 1.34 -9.44 -9.51
CA LYS B 127 1.54 -8.02 -9.71
C LYS B 127 0.39 -7.22 -9.07
N VAL B 128 -0.85 -7.62 -9.32
CA VAL B 128 -1.97 -6.85 -8.83
C VAL B 128 -2.10 -6.90 -7.30
N LEU B 129 -1.76 -8.04 -6.71
CA LEU B 129 -1.83 -8.16 -5.25
C LEU B 129 -0.55 -7.71 -4.60
N THR B 130 0.48 -7.45 -5.42
CA THR B 130 1.82 -7.06 -4.96
C THR B 130 2.33 -8.08 -3.97
N PHE B 131 2.18 -9.35 -4.36
CA PHE B 131 2.62 -10.50 -3.59
C PHE B 131 2.03 -10.59 -2.18
N ASP B 132 0.96 -9.87 -1.92
CA ASP B 132 0.38 -9.90 -0.59
C ASP B 132 -0.56 -11.08 -0.47
N LEU B 133 -0.01 -12.24 -0.13
CA LEU B 133 -0.80 -13.46 -0.22
C LEU B 133 -1.21 -14.10 1.11
N ALA B 134 -0.57 -13.66 2.20
CA ALA B 134 -0.85 -14.18 3.52
C ALA B 134 -2.08 -13.48 4.09
N ALA B 135 -3.23 -13.77 3.51
CA ALA B 135 -4.48 -13.14 3.87
C ALA B 135 -5.14 -13.89 5.02
N PRO B 136 -5.55 -13.17 6.08
CA PRO B 136 -6.42 -13.84 7.04
C PRO B 136 -7.69 -14.35 6.35
N THR B 137 -8.18 -15.52 6.75
CA THR B 137 -9.35 -16.16 6.15
C THR B 137 -10.41 -16.51 7.19
N VAL B 138 -11.64 -16.77 6.74
CA VAL B 138 -12.71 -17.10 7.67
C VAL B 138 -12.28 -18.34 8.42
N ASN B 139 -11.60 -19.22 7.69
CA ASN B 139 -11.11 -20.49 8.19
C ASN B 139 -10.04 -20.29 9.24
N GLN B 140 -9.07 -19.45 8.94
CA GLN B 140 -8.06 -19.16 9.94
C GLN B 140 -8.71 -18.76 11.28
N PHE B 141 -9.66 -17.84 11.26
CA PHE B 141 -10.29 -17.39 12.49
C PHE B 141 -11.06 -18.50 13.16
N LEU B 142 -11.75 -19.30 12.34
CA LEU B 142 -12.49 -20.46 12.84
C LEU B 142 -11.67 -21.43 13.69
N THR B 143 -10.52 -21.88 13.17
CA THR B 143 -9.63 -22.79 13.89
C THR B 143 -9.20 -22.21 15.26
N GLN B 144 -9.09 -20.88 15.32
CA GLN B 144 -8.87 -20.23 16.60
C GLN B 144 -10.11 -20.32 17.46
N TYR B 145 -11.26 -19.95 16.91
CA TYR B 145 -12.50 -19.98 17.68
C TYR B 145 -12.75 -21.39 18.23
N PHE B 146 -12.52 -22.40 17.38
CA PHE B 146 -12.71 -23.81 17.75
C PHE B 146 -11.97 -24.18 19.03
N LEU B 147 -10.83 -23.55 19.29
CA LEU B 147 -10.09 -23.79 20.52
C LEU B 147 -10.85 -23.42 21.80
N HIS B 148 -11.90 -22.63 21.66
CA HIS B 148 -12.67 -22.19 22.80
C HIS B 148 -13.89 -23.05 23.04
N GLN B 149 -13.87 -24.28 22.56
CA GLN B 149 -15.05 -25.13 22.69
C GLN B 149 -14.96 -26.14 23.85
N GLN B 150 -16.07 -26.32 24.56
CA GLN B 150 -16.09 -27.13 25.79
C GLN B 150 -17.13 -28.27 25.78
N PRO B 151 -16.71 -29.49 25.35
CA PRO B 151 -15.38 -29.80 24.79
C PRO B 151 -15.39 -29.70 23.26
N ALA B 152 -14.28 -30.08 22.64
CA ALA B 152 -14.20 -30.06 21.18
C ALA B 152 -15.36 -30.87 20.60
N ASN B 153 -15.98 -30.37 19.53
CA ASN B 153 -17.03 -31.11 18.86
C ASN B 153 -16.93 -31.00 17.36
N CYS B 154 -16.81 -32.15 16.72
CA CYS B 154 -16.46 -32.24 15.31
C CYS B 154 -17.55 -31.76 14.38
N LYS B 155 -18.79 -32.00 14.77
CA LYS B 155 -19.95 -31.56 13.99
C LYS B 155 -20.04 -30.04 14.03
N VAL B 156 -19.63 -29.46 15.15
CA VAL B 156 -19.59 -28.01 15.29
C VAL B 156 -18.50 -27.46 14.40
N GLU B 157 -17.29 -27.99 14.56
CA GLU B 157 -16.16 -27.63 13.73
C GLU B 157 -16.46 -27.75 12.24
N SER B 158 -16.93 -28.93 11.82
CA SER B 158 -17.32 -29.11 10.43
C SER B 158 -18.47 -28.22 10.02
N LEU B 159 -19.42 -27.95 10.91
CA LEU B 159 -20.57 -27.10 10.52
C LEU B 159 -20.18 -25.64 10.36
N ALA B 160 -19.29 -25.13 11.21
CA ALA B 160 -18.75 -23.78 11.00
C ALA B 160 -18.04 -23.67 9.65
N MET B 161 -17.15 -24.62 9.36
CA MET B 161 -16.45 -24.70 8.07
C MET B 161 -17.43 -24.54 6.94
N PHE B 162 -18.38 -25.47 6.87
CA PHE B 162 -19.43 -25.48 5.88
C PHE B 162 -20.13 -24.12 5.79
N LEU B 163 -20.49 -23.57 6.93
CA LEU B 163 -21.21 -22.31 6.94
C LEU B 163 -20.33 -21.18 6.44
N GLY B 164 -19.10 -21.13 6.96
CA GLY B 164 -18.11 -20.16 6.54
C GLY B 164 -17.89 -20.29 5.05
N GLU B 165 -17.73 -21.54 4.61
CA GLU B 165 -17.53 -21.82 3.20
C GLU B 165 -18.72 -21.37 2.40
N LEU B 166 -19.91 -21.52 2.97
CA LEU B 166 -21.09 -21.05 2.27
C LEU B 166 -20.96 -19.58 1.91
N SER B 167 -20.51 -18.77 2.86
CA SER B 167 -20.42 -17.33 2.68
C SER B 167 -19.50 -16.88 1.51
N LEU B 168 -18.47 -17.65 1.19
CA LEU B 168 -17.57 -17.32 0.10
C LEU B 168 -18.30 -17.12 -1.24
N ILE B 169 -19.46 -17.76 -1.37
CA ILE B 169 -20.18 -17.83 -2.64
C ILE B 169 -20.93 -16.53 -3.01
N ASP B 170 -21.49 -15.87 -2.00
CA ASP B 170 -22.33 -14.71 -2.22
C ASP B 170 -21.63 -13.45 -1.82
N ALA B 171 -20.99 -12.82 -2.81
CA ALA B 171 -20.36 -11.54 -2.62
C ALA B 171 -21.33 -10.60 -1.92
N ASP B 172 -22.57 -10.58 -2.40
CA ASP B 172 -23.63 -9.86 -1.71
C ASP B 172 -24.37 -10.84 -0.78
N PRO B 173 -24.33 -10.60 0.54
CA PRO B 173 -23.75 -9.51 1.31
C PRO B 173 -22.33 -9.71 1.84
N TYR B 174 -21.90 -10.96 2.04
CA TYR B 174 -20.70 -11.27 2.83
C TYR B 174 -19.44 -10.46 2.54
N LEU B 175 -19.38 -9.90 1.34
CA LEU B 175 -18.28 -9.04 0.98
C LEU B 175 -18.14 -7.87 1.95
N LYS B 176 -19.23 -7.53 2.64
CA LYS B 176 -19.22 -6.43 3.60
C LYS B 176 -18.80 -6.84 5.01
N TYR B 177 -18.53 -8.11 5.24
CA TYR B 177 -18.11 -8.54 6.56
C TYR B 177 -16.70 -9.07 6.54
N LEU B 178 -15.92 -8.67 7.55
CA LEU B 178 -14.56 -9.15 7.76
C LEU B 178 -14.58 -10.63 8.09
N PRO B 179 -13.52 -11.36 7.68
CA PRO B 179 -13.34 -12.78 7.94
C PRO B 179 -13.49 -13.22 9.39
N SER B 180 -13.07 -12.42 10.35
CA SER B 180 -13.23 -12.76 11.78
C SER B 180 -14.69 -12.68 12.20
N VAL B 181 -15.36 -11.65 11.73
CA VAL B 181 -16.81 -11.50 11.96
C VAL B 181 -17.58 -12.65 11.32
N ILE B 182 -17.34 -12.93 10.03
CA ILE B 182 -17.99 -14.12 9.44
C ILE B 182 -17.72 -15.38 10.28
N ALA B 183 -16.45 -15.61 10.61
CA ALA B 183 -16.06 -16.76 11.44
C ALA B 183 -16.80 -16.78 12.78
N GLY B 184 -17.16 -15.59 13.28
CA GLY B 184 -17.97 -15.48 14.48
C GLY B 184 -19.35 -16.02 14.20
N ALA B 185 -19.99 -15.53 13.14
CA ALA B 185 -21.35 -15.98 12.79
C ALA B 185 -21.38 -17.48 12.56
N ALA B 186 -20.46 -17.95 11.73
CA ALA B 186 -20.36 -19.36 11.40
C ALA B 186 -20.15 -20.17 12.66
N PHE B 187 -19.24 -19.73 13.53
CA PHE B 187 -18.94 -20.53 14.70
C PHE B 187 -20.16 -20.68 15.59
N HIS B 188 -20.75 -19.55 15.97
CA HIS B 188 -21.88 -19.56 16.87
C HIS B 188 -23.03 -20.32 16.28
N LEU B 189 -23.28 -20.09 14.99
CA LEU B 189 -24.40 -20.75 14.31
C LEU B 189 -24.20 -22.26 14.33
N ALA B 190 -22.95 -22.69 14.20
CA ALA B 190 -22.62 -24.09 14.26
C ALA B 190 -22.89 -24.61 15.67
N LEU B 191 -22.43 -23.89 16.67
CA LEU B 191 -22.58 -24.31 18.07
C LEU B 191 -24.04 -24.35 18.51
N TYR B 192 -24.81 -23.36 18.10
CA TYR B 192 -26.23 -23.35 18.39
C TYR B 192 -26.95 -24.56 17.74
N THR B 193 -26.91 -24.63 16.41
CA THR B 193 -27.53 -25.72 15.67
C THR B 193 -27.30 -27.08 16.33
N VAL B 194 -26.04 -27.43 16.55
CA VAL B 194 -25.65 -28.75 17.05
C VAL B 194 -25.94 -28.91 18.55
N THR B 195 -25.50 -27.96 19.36
CA THR B 195 -25.50 -28.13 20.82
C THR B 195 -26.52 -27.29 21.58
N GLY B 196 -27.13 -26.33 20.90
CA GLY B 196 -27.98 -25.35 21.56
C GLY B 196 -27.14 -24.48 22.50
N GLN B 197 -25.91 -24.16 22.10
CA GLN B 197 -25.09 -23.20 22.84
C GLN B 197 -24.76 -21.93 22.03
N SER B 198 -24.43 -20.87 22.76
CA SER B 198 -24.14 -19.56 22.15
C SER B 198 -22.65 -19.30 22.06
N TRP B 199 -22.35 -18.29 21.25
CA TRP B 199 -21.08 -17.59 21.29
C TRP B 199 -20.54 -17.51 22.73
N PRO B 200 -19.41 -18.19 22.99
CA PRO B 200 -18.71 -18.27 24.27
C PRO B 200 -18.20 -16.93 24.79
N GLU B 201 -18.27 -16.72 26.10
CA GLU B 201 -17.78 -15.46 26.66
C GLU B 201 -16.25 -15.37 26.57
N SER B 202 -15.59 -16.53 26.57
CA SER B 202 -14.15 -16.56 26.37
C SER B 202 -13.82 -15.95 24.99
N LEU B 203 -14.68 -16.20 24.01
CA LEU B 203 -14.53 -15.56 22.69
C LEU B 203 -14.85 -14.07 22.69
N ILE B 204 -15.79 -13.65 23.54
CA ILE B 204 -16.04 -12.22 23.70
C ILE B 204 -14.76 -11.56 24.21
N ARG B 205 -14.22 -12.11 25.31
CA ARG B 205 -12.94 -11.68 25.83
C ARG B 205 -11.88 -11.66 24.74
N LYS B 206 -11.75 -12.75 23.99
CA LYS B 206 -10.78 -12.81 22.90
C LYS B 206 -11.05 -11.80 21.76
N THR B 207 -12.26 -11.83 21.20
CA THR B 207 -12.52 -11.11 19.97
C THR B 207 -13.01 -9.70 20.19
N GLY B 208 -13.66 -9.46 21.32
CA GLY B 208 -14.45 -8.26 21.48
C GLY B 208 -15.76 -8.34 20.70
N TYR B 209 -16.10 -9.51 20.15
CA TYR B 209 -17.40 -9.68 19.54
C TYR B 209 -18.40 -10.27 20.52
N THR B 210 -19.64 -9.81 20.40
CA THR B 210 -20.79 -10.36 21.12
C THR B 210 -21.83 -10.84 20.11
N LEU B 211 -22.86 -11.54 20.57
CA LEU B 211 -23.97 -11.87 19.69
C LEU B 211 -24.55 -10.58 19.11
N GLU B 212 -24.59 -9.54 19.92
CA GLU B 212 -24.94 -8.19 19.46
C GLU B 212 -24.20 -7.79 18.17
N SER B 213 -22.87 -7.92 18.16
CA SER B 213 -22.08 -7.48 17.01
C SER B 213 -22.12 -8.46 15.82
N LEU B 214 -22.21 -9.74 16.09
CA LEU B 214 -22.30 -10.72 15.01
C LEU B 214 -23.66 -10.68 14.34
N LYS B 215 -24.70 -10.46 15.14
CA LYS B 215 -26.10 -10.43 14.72
C LYS B 215 -26.36 -10.14 13.24
N PRO B 216 -25.99 -8.93 12.75
CA PRO B 216 -26.24 -8.59 11.35
C PRO B 216 -25.78 -9.66 10.34
N CYS B 217 -24.53 -10.09 10.49
CA CYS B 217 -23.93 -11.17 9.70
C CYS B 217 -24.63 -12.49 9.99
N LEU B 218 -24.76 -12.81 11.27
CA LEU B 218 -25.52 -13.96 11.73
C LEU B 218 -26.91 -14.06 11.09
N MET B 219 -27.60 -12.93 10.99
CA MET B 219 -28.91 -12.90 10.32
C MET B 219 -28.76 -13.31 8.85
N ASP B 220 -27.70 -12.85 8.21
CA ASP B 220 -27.47 -13.16 6.82
C ASP B 220 -27.02 -14.60 6.65
N LEU B 221 -26.16 -15.05 7.55
CA LEU B 221 -25.65 -16.41 7.52
C LEU B 221 -26.75 -17.40 7.82
N HIS B 222 -27.64 -17.05 8.74
CA HIS B 222 -28.74 -17.92 9.09
C HIS B 222 -29.69 -18.12 7.89
N GLN B 223 -29.87 -17.05 7.11
CA GLN B 223 -30.64 -17.15 5.88
C GLN B 223 -29.93 -18.04 4.89
N THR B 224 -28.64 -17.79 4.65
CA THR B 224 -27.93 -18.61 3.67
C THR B 224 -28.08 -20.09 4.02
N TYR B 225 -27.89 -20.40 5.30
CA TYR B 225 -28.12 -21.73 5.84
C TYR B 225 -29.51 -22.28 5.53
N LEU B 226 -30.56 -21.50 5.79
CA LEU B 226 -31.94 -21.93 5.48
C LEU B 226 -32.19 -22.08 3.98
N LYS B 227 -31.61 -21.19 3.18
CA LYS B 227 -31.90 -21.19 1.75
C LYS B 227 -30.91 -22.06 0.97
N ALA B 228 -30.02 -22.71 1.72
CA ALA B 228 -28.93 -23.51 1.19
C ALA B 228 -29.37 -24.60 0.20
N PRO B 229 -30.35 -25.45 0.59
CA PRO B 229 -30.79 -26.47 -0.36
C PRO B 229 -31.34 -25.92 -1.68
N GLN B 230 -31.82 -24.68 -1.72
CA GLN B 230 -32.41 -24.13 -2.95
C GLN B 230 -31.48 -23.20 -3.71
N HIS B 231 -30.28 -23.02 -3.16
CA HIS B 231 -29.27 -22.16 -3.77
C HIS B 231 -28.89 -22.71 -5.14
N ALA B 232 -28.66 -21.81 -6.09
CA ALA B 232 -28.24 -22.19 -7.44
C ALA B 232 -26.99 -23.06 -7.43
N GLN B 233 -26.06 -22.76 -6.52
CA GLN B 233 -24.80 -23.50 -6.36
C GLN B 233 -24.89 -24.53 -5.22
N GLN B 234 -24.48 -25.76 -5.51
CA GLN B 234 -24.64 -26.84 -4.54
C GLN B 234 -23.34 -27.56 -4.19
N SER B 235 -22.22 -27.13 -4.77
CA SER B 235 -20.96 -27.85 -4.57
C SER B 235 -20.51 -27.88 -3.09
N ILE B 236 -20.84 -26.85 -2.31
CA ILE B 236 -20.45 -26.83 -0.90
C ILE B 236 -21.26 -27.80 -0.05
N ARG B 237 -22.58 -27.80 -0.22
CA ARG B 237 -23.43 -28.78 0.47
C ARG B 237 -23.05 -30.21 0.07
N GLU B 238 -22.81 -30.40 -1.23
CA GLU B 238 -22.33 -31.66 -1.80
C GLU B 238 -21.05 -32.09 -1.09
N LYS B 239 -20.10 -31.16 -1.01
CA LYS B 239 -18.85 -31.39 -0.32
C LYS B 239 -19.11 -31.84 1.11
N TYR B 240 -19.90 -31.07 1.84
CA TYR B 240 -20.12 -31.32 3.26
C TYR B 240 -21.16 -32.41 3.58
N LYS B 241 -21.48 -33.23 2.57
CA LYS B 241 -22.21 -34.48 2.76
C LYS B 241 -21.21 -35.54 3.18
N ASN B 242 -19.97 -35.34 2.76
CA ASN B 242 -18.91 -36.30 2.97
C ASN B 242 -18.67 -36.62 4.44
N SER B 243 -18.30 -37.85 4.71
CA SER B 243 -17.90 -38.27 6.04
C SER B 243 -16.74 -37.42 6.59
N LYS B 244 -15.78 -37.08 5.73
CA LYS B 244 -14.65 -36.21 6.11
C LYS B 244 -15.12 -35.03 6.93
N TYR B 245 -16.30 -34.51 6.60
CA TYR B 245 -16.85 -33.32 7.23
C TYR B 245 -18.10 -33.67 8.02
N HIS B 246 -18.20 -34.94 8.39
CA HIS B 246 -19.23 -35.43 9.28
C HIS B 246 -20.62 -35.12 8.73
N GLY B 247 -20.76 -35.24 7.40
CA GLY B 247 -22.01 -34.93 6.71
C GLY B 247 -22.84 -33.81 7.29
N VAL B 248 -22.19 -32.70 7.66
CA VAL B 248 -22.85 -31.64 8.43
C VAL B 248 -23.90 -30.89 7.63
N SER B 249 -23.75 -30.93 6.30
CA SER B 249 -24.69 -30.25 5.40
C SER B 249 -26.03 -30.96 5.39
N LEU B 250 -26.13 -32.06 6.13
CA LEU B 250 -27.37 -32.81 6.24
C LEU B 250 -28.17 -32.43 7.49
N LEU B 251 -27.45 -32.08 8.56
CA LEU B 251 -28.06 -31.50 9.76
C LEU B 251 -28.97 -30.34 9.37
N ASN B 252 -30.08 -30.22 10.08
CA ASN B 252 -31.10 -29.23 9.76
C ASN B 252 -30.80 -27.85 10.28
N PRO B 253 -30.96 -26.83 9.42
CA PRO B 253 -30.84 -25.46 9.91
C PRO B 253 -31.90 -25.22 11.00
N PRO B 254 -31.53 -24.48 12.07
CA PRO B 254 -32.54 -24.10 13.06
C PRO B 254 -33.59 -23.18 12.43
N GLU B 255 -34.80 -23.18 13.00
CA GLU B 255 -35.90 -22.32 12.56
C GLU B 255 -35.72 -20.91 13.08
N THR B 256 -35.24 -20.80 14.32
CA THR B 256 -35.00 -19.50 14.96
C THR B 256 -33.65 -19.49 15.68
N LEU B 257 -33.24 -18.30 16.10
CA LEU B 257 -31.96 -18.14 16.79
C LEU B 257 -32.11 -17.59 18.20
N ASN B 258 -33.27 -16.99 18.50
CA ASN B 258 -33.52 -16.25 19.76
C ASN B 258 -32.40 -15.22 20.08
N LEU B 259 -32.29 -14.25 19.18
CA LEU B 259 -31.28 -13.20 19.31
C LEU B 259 -31.88 -11.83 19.57
N SER C 5 5.48 -5.93 -18.36
CA SER C 5 4.54 -4.87 -17.88
C SER C 5 3.64 -4.39 -19.02
N MET C 6 4.22 -4.30 -20.22
CA MET C 6 3.51 -3.87 -21.41
C MET C 6 3.18 -5.04 -22.32
N GLU C 7 3.83 -6.17 -22.05
CA GLU C 7 3.65 -7.41 -22.82
C GLU C 7 2.18 -7.80 -22.91
N ASN C 8 1.51 -7.78 -21.76
CA ASN C 8 0.11 -8.18 -21.69
C ASN C 8 -0.89 -7.13 -22.22
N PHE C 9 -0.38 -6.08 -22.86
CA PHE C 9 -1.23 -5.13 -23.57
C PHE C 9 -1.05 -5.25 -25.08
N GLN C 10 -2.19 -5.24 -25.78
CA GLN C 10 -2.22 -5.33 -27.24
C GLN C 10 -2.92 -4.12 -27.85
N LYS C 11 -2.22 -3.38 -28.70
CA LYS C 11 -2.79 -2.20 -29.34
C LYS C 11 -3.82 -2.57 -30.39
N VAL C 12 -4.99 -1.92 -30.34
CA VAL C 12 -6.04 -2.10 -31.34
C VAL C 12 -5.93 -1.04 -32.44
N GLU C 13 -5.79 0.22 -32.02
CA GLU C 13 -5.82 1.34 -32.95
C GLU C 13 -5.46 2.65 -32.26
N LYS C 14 -5.07 3.63 -33.07
CA LYS C 14 -4.72 4.97 -32.61
C LYS C 14 -5.99 5.78 -32.54
N ILE C 15 -6.18 6.55 -31.45
CA ILE C 15 -7.44 7.30 -31.31
C ILE C 15 -7.24 8.76 -30.84
N GLY C 16 -6.07 9.33 -31.16
CA GLY C 16 -5.84 10.75 -30.95
C GLY C 16 -4.41 11.18 -30.72
N GLU C 17 -4.21 12.49 -30.59
CA GLU C 17 -2.89 13.06 -30.24
C GLU C 17 -3.00 14.08 -29.07
N GLY C 18 -1.98 14.12 -28.22
CA GLY C 18 -2.00 14.96 -27.02
C GLY C 18 -0.74 15.76 -26.75
N THR C 19 -0.07 16.17 -27.84
CA THR C 19 1.18 16.99 -27.83
C THR C 19 2.37 16.30 -27.14
N TYR C 20 2.11 15.60 -26.05
CA TYR C 20 3.15 14.85 -25.32
C TYR C 20 3.18 13.34 -25.62
N GLY C 21 2.23 12.90 -26.46
CA GLY C 21 2.24 11.56 -27.05
C GLY C 21 0.99 11.25 -27.84
N VAL C 22 1.04 10.14 -28.59
CA VAL C 22 -0.12 9.64 -29.34
C VAL C 22 -0.96 8.69 -28.48
N VAL C 23 -2.30 8.83 -28.56
CA VAL C 23 -3.20 8.07 -27.71
C VAL C 23 -3.77 6.82 -28.39
N TYR C 24 -3.49 5.68 -27.76
CA TYR C 24 -3.75 4.37 -28.30
C TYR C 24 -4.92 3.67 -27.62
N LYS C 25 -5.73 3.00 -28.42
CA LYS C 25 -6.69 2.04 -27.92
C LYS C 25 -6.00 0.69 -27.93
N ALA C 26 -6.24 -0.10 -26.89
CA ALA C 26 -5.55 -1.35 -26.72
C ALA C 26 -6.37 -2.17 -25.79
N ARG C 27 -6.00 -3.44 -25.63
CA ARG C 27 -6.77 -4.32 -24.78
C ARG C 27 -5.90 -5.19 -23.91
N ASN C 28 -6.40 -5.46 -22.69
CA ASN C 28 -5.73 -6.33 -21.78
C ASN C 28 -5.94 -7.76 -22.26
N LYS C 29 -4.86 -8.38 -22.72
CA LYS C 29 -4.91 -9.75 -23.21
C LYS C 29 -5.53 -10.69 -22.18
N LEU C 30 -5.07 -10.59 -20.94
CA LEU C 30 -5.43 -11.55 -19.91
C LEU C 30 -6.77 -11.22 -19.23
N THR C 31 -7.11 -9.93 -19.16
CA THR C 31 -8.37 -9.52 -18.53
C THR C 31 -9.48 -9.25 -19.56
N GLY C 32 -9.10 -9.11 -20.82
CA GLY C 32 -10.04 -8.71 -21.87
C GLY C 32 -10.38 -7.22 -21.83
N GLU C 33 -10.10 -6.55 -20.72
CA GLU C 33 -10.46 -5.14 -20.55
C GLU C 33 -9.91 -4.25 -21.65
N VAL C 34 -10.74 -3.32 -22.13
CA VAL C 34 -10.33 -2.39 -23.17
C VAL C 34 -9.92 -1.06 -22.54
N VAL C 35 -8.73 -0.59 -22.89
CA VAL C 35 -8.14 0.59 -22.26
C VAL C 35 -7.56 1.58 -23.26
N ALA C 36 -7.48 2.84 -22.88
CA ALA C 36 -6.74 3.83 -23.63
C ALA C 36 -5.34 3.93 -23.05
N LEU C 37 -4.31 3.97 -23.90
CA LEU C 37 -2.93 4.21 -23.44
C LEU C 37 -2.40 5.55 -23.93
N LYS C 38 -1.91 6.37 -23.00
CA LYS C 38 -1.16 7.55 -23.35
C LYS C 38 0.33 7.21 -23.32
N LYS C 39 1.01 7.34 -24.44
CA LYS C 39 2.48 7.24 -24.45
C LYS C 39 3.07 8.62 -24.14
N ILE C 40 3.90 8.69 -23.10
CA ILE C 40 4.62 9.92 -22.76
C ILE C 40 6.13 9.63 -22.82
N ARG C 41 6.76 10.21 -23.84
CA ARG C 41 8.20 10.03 -24.05
C ARG C 41 8.98 10.90 -23.06
N LEU C 42 9.98 10.29 -22.44
CA LEU C 42 10.73 10.94 -21.39
C LEU C 42 12.00 11.59 -21.90
N ASP C 43 12.07 12.90 -21.72
CA ASP C 43 13.26 13.68 -22.05
C ASP C 43 14.44 13.40 -21.10
N THR C 44 14.94 12.16 -21.08
CA THR C 44 16.19 11.86 -20.37
C THR C 44 17.28 12.73 -21.00
N GLU C 45 18.40 12.91 -20.30
CA GLU C 45 19.47 13.80 -20.78
C GLU C 45 19.02 15.27 -20.88
N THR C 46 17.73 15.47 -21.16
CA THR C 46 17.20 16.81 -21.41
C THR C 46 16.37 17.34 -20.24
N GLU C 47 15.05 17.26 -20.33
CA GLU C 47 14.24 17.92 -19.31
C GLU C 47 13.42 16.99 -18.40
N GLY C 48 13.59 15.68 -18.59
CA GLY C 48 13.01 14.67 -17.70
C GLY C 48 11.54 14.44 -17.95
N VAL C 49 10.81 14.15 -16.88
CA VAL C 49 9.39 13.89 -16.98
C VAL C 49 8.69 15.22 -17.11
N PRO C 50 7.83 15.36 -18.14
CA PRO C 50 7.09 16.58 -18.43
C PRO C 50 6.22 17.01 -17.27
N SER C 51 6.26 18.30 -16.96
CA SER C 51 5.39 18.91 -15.95
C SER C 51 3.90 18.61 -16.17
N THR C 52 3.45 18.63 -17.43
CA THR C 52 2.05 18.33 -17.75
C THR C 52 1.69 16.91 -17.33
N ALA C 53 2.62 15.98 -17.48
CA ALA C 53 2.38 14.57 -17.13
C ALA C 53 2.44 14.32 -15.63
N ILE C 54 3.43 14.90 -14.96
CA ILE C 54 3.52 14.90 -13.49
C ILE C 54 2.22 15.43 -12.85
N ARG C 55 1.78 16.60 -13.28
CA ARG C 55 0.48 17.13 -12.84
C ARG C 55 -0.66 16.15 -13.11
N GLU C 56 -0.83 15.77 -14.39
CA GLU C 56 -1.95 14.93 -14.78
C GLU C 56 -2.05 13.66 -13.93
N ILE C 57 -1.00 12.85 -13.95
CA ILE C 57 -0.90 11.66 -13.10
C ILE C 57 -1.10 11.95 -11.60
N SER C 58 -0.44 12.97 -11.07
CA SER C 58 -0.53 13.21 -9.63
C SER C 58 -1.94 13.56 -9.24
N LEU C 59 -2.55 14.42 -10.05
CA LEU C 59 -3.89 14.93 -9.75
C LEU C 59 -4.99 13.90 -9.99
N LEU C 60 -4.91 13.16 -11.09
CA LEU C 60 -5.82 12.05 -11.38
C LEU C 60 -5.75 10.94 -10.37
N LYS C 61 -4.53 10.62 -9.93
CA LYS C 61 -4.31 9.59 -8.94
C LYS C 61 -5.10 9.91 -7.66
N GLU C 62 -5.54 11.17 -7.58
CA GLU C 62 -6.21 11.72 -6.43
C GLU C 62 -7.67 12.07 -6.70
N LEU C 63 -8.21 11.67 -7.84
CA LEU C 63 -9.62 11.94 -8.11
C LEU C 63 -10.33 10.67 -8.57
N ASN C 64 -10.99 10.00 -7.64
CA ASN C 64 -11.91 8.96 -8.04
C ASN C 64 -13.36 9.33 -7.90
N HIS C 65 -13.99 9.45 -9.06
CA HIS C 65 -15.37 9.82 -9.18
C HIS C 65 -15.83 9.22 -10.48
N PRO C 66 -17.08 8.72 -10.53
CA PRO C 66 -17.60 8.09 -11.77
C PRO C 66 -17.61 9.04 -12.96
N ASN C 67 -17.59 10.34 -12.69
CA ASN C 67 -17.61 11.35 -13.75
C ASN C 67 -16.25 11.96 -14.02
N ILE C 68 -15.22 11.24 -13.58
CA ILE C 68 -13.84 11.59 -13.91
C ILE C 68 -13.19 10.33 -14.47
N VAL C 69 -12.54 10.49 -15.62
CA VAL C 69 -11.77 9.43 -16.25
C VAL C 69 -10.83 8.77 -15.24
N LYS C 70 -10.82 7.44 -15.23
CA LYS C 70 -10.00 6.67 -14.29
C LYS C 70 -8.66 6.38 -14.89
N LEU C 71 -7.62 6.89 -14.23
CA LEU C 71 -6.27 6.44 -14.49
C LEU C 71 -6.09 5.08 -13.80
N LEU C 72 -6.02 4.01 -14.60
CA LEU C 72 -5.93 2.64 -14.07
C LEU C 72 -4.52 2.18 -13.73
N ASP C 73 -3.52 2.73 -14.42
CA ASP C 73 -2.14 2.34 -14.15
C ASP C 73 -1.19 3.37 -14.77
N VAL C 74 -0.01 3.46 -14.18
CA VAL C 74 1.10 4.20 -14.78
C VAL C 74 2.22 3.18 -14.88
N ILE C 75 2.78 3.03 -16.08
CA ILE C 75 3.81 2.02 -16.33
C ILE C 75 5.11 2.69 -16.72
N HIS C 76 6.16 2.37 -15.96
CA HIS C 76 7.48 3.03 -16.06
C HIS C 76 8.55 2.28 -16.86
N THR C 77 8.71 2.58 -18.13
CA THR C 77 9.96 2.26 -18.82
C THR C 77 10.94 3.31 -18.32
N GLU C 78 12.23 3.14 -18.59
CA GLU C 78 13.21 4.18 -18.27
C GLU C 78 13.17 5.30 -19.33
N ASN C 79 12.53 5.03 -20.46
CA ASN C 79 12.42 5.97 -21.58
C ASN C 79 10.99 6.36 -21.91
N LYS C 80 10.10 5.38 -21.88
CA LYS C 80 8.70 5.60 -22.13
C LYS C 80 7.95 5.66 -20.81
N LEU C 81 6.86 6.41 -20.77
CA LEU C 81 5.95 6.38 -19.65
C LEU C 81 4.56 6.21 -20.23
N TYR C 82 3.83 5.16 -19.80
CA TYR C 82 2.47 4.91 -20.31
C TYR C 82 1.45 5.09 -19.24
N LEU C 83 0.44 5.89 -19.52
CA LEU C 83 -0.69 6.02 -18.64
C LEU C 83 -1.81 5.11 -19.15
N VAL C 84 -2.18 4.11 -18.36
CA VAL C 84 -3.33 3.26 -18.67
C VAL C 84 -4.63 3.92 -18.15
N PHE C 85 -5.53 4.17 -19.08
CA PHE C 85 -6.84 4.80 -18.82
C PHE C 85 -7.98 3.86 -19.18
N GLU C 86 -9.08 3.98 -18.45
CA GLU C 86 -10.31 3.32 -18.86
C GLU C 86 -10.62 3.80 -20.26
N PHE C 87 -10.98 2.88 -21.15
CA PHE C 87 -11.40 3.28 -22.48
C PHE C 87 -12.83 3.75 -22.47
N LEU C 88 -13.02 4.97 -22.95
CA LEU C 88 -14.33 5.51 -23.18
C LEU C 88 -14.54 5.67 -24.67
N HIS C 89 -15.77 5.40 -25.08
CA HIS C 89 -16.23 5.40 -26.50
C HIS C 89 -15.72 6.56 -27.38
N GLN C 90 -16.06 7.80 -27.01
CA GLN C 90 -15.65 8.98 -27.79
C GLN C 90 -15.72 10.32 -27.04
N ASP C 91 -15.25 11.38 -27.71
CA ASP C 91 -15.39 12.79 -27.31
C ASP C 91 -16.85 13.21 -27.32
N LEU C 92 -17.21 14.15 -26.45
CA LEU C 92 -18.47 14.87 -26.60
C LEU C 92 -18.47 15.61 -27.94
N LYS C 93 -17.30 16.09 -28.35
CA LYS C 93 -17.17 16.76 -29.63
C LYS C 93 -17.47 15.88 -30.83
N LYS C 94 -17.04 14.62 -30.81
CA LYS C 94 -17.37 13.76 -31.95
C LYS C 94 -18.83 13.38 -31.88
N PHE C 95 -19.38 13.37 -30.66
CA PHE C 95 -20.78 13.06 -30.46
C PHE C 95 -21.65 14.19 -31.00
N MET C 96 -21.39 15.40 -30.53
CA MET C 96 -22.09 16.57 -31.02
C MET C 96 -22.13 16.52 -32.54
N ASP C 97 -20.97 16.29 -33.14
CA ASP C 97 -20.84 16.27 -34.57
C ASP C 97 -21.72 15.21 -35.19
N ALA C 98 -21.58 13.97 -34.72
CA ALA C 98 -22.32 12.85 -35.29
C ALA C 98 -23.80 13.11 -35.25
N SER C 99 -24.26 13.80 -34.20
CA SER C 99 -25.68 14.14 -34.08
C SER C 99 -25.89 15.64 -34.28
N ALA C 100 -25.15 16.22 -35.23
CA ALA C 100 -25.37 17.60 -35.67
C ALA C 100 -26.78 17.77 -36.26
N LEU C 101 -27.12 16.93 -37.23
CA LEU C 101 -28.43 16.93 -37.87
C LEU C 101 -29.53 16.48 -36.90
N THR C 102 -29.31 15.32 -36.26
CA THR C 102 -30.29 14.65 -35.40
C THR C 102 -30.74 15.45 -34.18
N GLY C 103 -29.85 16.30 -33.67
CA GLY C 103 -30.09 16.95 -32.38
C GLY C 103 -29.65 16.04 -31.25
N ILE C 104 -29.49 16.62 -30.06
CA ILE C 104 -29.24 15.85 -28.85
C ILE C 104 -30.45 16.00 -27.92
N PRO C 105 -31.13 14.88 -27.62
CA PRO C 105 -32.29 14.90 -26.74
C PRO C 105 -32.03 15.77 -25.52
N LEU C 106 -32.97 16.67 -25.21
CA LEU C 106 -32.84 17.55 -24.04
C LEU C 106 -32.60 16.78 -22.72
N PRO C 107 -33.28 15.63 -22.51
CA PRO C 107 -32.93 14.81 -21.34
C PRO C 107 -31.45 14.45 -21.28
N LEU C 108 -30.88 14.04 -22.42
CA LEU C 108 -29.47 13.62 -22.50
C LEU C 108 -28.53 14.76 -22.10
N ILE C 109 -28.79 15.96 -22.65
CA ILE C 109 -28.09 17.17 -22.26
C ILE C 109 -28.14 17.32 -20.73
N LYS C 110 -29.36 17.23 -20.19
CA LYS C 110 -29.59 17.38 -18.75
C LYS C 110 -28.70 16.42 -17.98
N SER C 111 -28.71 15.15 -18.39
CA SER C 111 -27.88 14.09 -17.78
C SER C 111 -26.41 14.48 -17.88
N TYR C 112 -25.95 14.66 -19.12
CA TYR C 112 -24.57 15.04 -19.38
C TYR C 112 -24.11 16.22 -18.55
N LEU C 113 -24.83 17.34 -18.61
CA LEU C 113 -24.44 18.52 -17.82
C LEU C 113 -24.37 18.24 -16.31
N PHE C 114 -25.21 17.31 -15.85
CA PHE C 114 -25.29 16.96 -14.44
C PHE C 114 -24.03 16.23 -14.01
N GLN C 115 -23.74 15.14 -14.72
CA GLN C 115 -22.54 14.34 -14.48
C GLN C 115 -21.27 15.18 -14.62
N LEU C 116 -21.27 16.10 -15.60
CA LEU C 116 -20.13 16.98 -15.83
C LEU C 116 -19.93 17.92 -14.66
N LEU C 117 -21.04 18.33 -14.05
CA LEU C 117 -21.01 19.24 -12.92
C LEU C 117 -20.56 18.53 -11.65
N GLN C 118 -20.97 17.27 -11.48
CA GLN C 118 -20.56 16.46 -10.34
C GLN C 118 -19.06 16.30 -10.35
N GLY C 119 -18.55 15.74 -11.45
CA GLY C 119 -17.13 15.58 -11.68
C GLY C 119 -16.35 16.85 -11.42
N LEU C 120 -16.83 17.95 -11.99
CA LEU C 120 -16.18 19.25 -11.77
C LEU C 120 -16.24 19.73 -10.31
N ALA C 121 -17.41 19.61 -9.67
CA ALA C 121 -17.56 19.94 -8.25
C ALA C 121 -16.55 19.14 -7.41
N PHE C 122 -16.49 17.83 -7.69
CA PHE C 122 -15.48 16.96 -7.12
C PHE C 122 -14.03 17.41 -7.46
N CYS C 123 -13.81 18.02 -8.62
CA CYS C 123 -12.48 18.56 -8.85
C CYS C 123 -12.21 19.64 -7.85
N HIS C 124 -13.06 20.66 -7.87
CA HIS C 124 -12.89 21.82 -7.00
C HIS C 124 -12.92 21.47 -5.52
N SER C 125 -13.76 20.50 -5.14
CA SER C 125 -13.81 20.01 -3.76
C SER C 125 -12.42 19.60 -3.31
N HIS C 126 -11.62 19.11 -4.26
CA HIS C 126 -10.29 18.58 -3.96
C HIS C 126 -9.20 19.48 -4.52
N ARG C 127 -9.49 20.78 -4.56
CA ARG C 127 -8.56 21.84 -5.00
C ARG C 127 -7.87 21.64 -6.36
N VAL C 128 -8.57 21.04 -7.31
CA VAL C 128 -7.99 20.84 -8.64
C VAL C 128 -8.78 21.64 -9.66
N LEU C 129 -8.08 22.50 -10.40
CA LEU C 129 -8.70 23.21 -11.54
C LEU C 129 -8.47 22.37 -12.76
N HIS C 130 -9.50 22.19 -13.59
CA HIS C 130 -9.32 21.44 -14.82
C HIS C 130 -8.66 22.29 -15.89
N ARG C 131 -9.09 23.54 -15.98
CA ARG C 131 -8.50 24.53 -16.89
C ARG C 131 -8.47 24.19 -18.38
N ASP C 132 -9.27 23.22 -18.82
CA ASP C 132 -9.33 22.89 -20.25
C ASP C 132 -10.52 22.03 -20.61
N LEU C 133 -11.70 22.49 -20.22
CA LEU C 133 -12.91 21.73 -20.47
C LEU C 133 -13.40 22.10 -21.85
N LYS C 134 -13.36 21.13 -22.74
CA LYS C 134 -13.89 21.25 -24.08
C LYS C 134 -14.52 19.92 -24.33
N PRO C 135 -15.53 19.88 -25.21
CA PRO C 135 -16.14 18.61 -25.59
C PRO C 135 -15.11 17.56 -26.04
N GLN C 136 -13.95 17.99 -26.52
CA GLN C 136 -12.88 17.05 -26.93
C GLN C 136 -12.23 16.37 -25.71
N ASN C 137 -12.29 17.04 -24.57
CA ASN C 137 -11.74 16.49 -23.36
C ASN C 137 -12.79 15.88 -22.44
N LEU C 138 -13.99 15.63 -22.99
CA LEU C 138 -15.08 15.00 -22.25
C LEU C 138 -15.47 13.72 -22.94
N LEU C 139 -15.33 12.61 -22.23
CA LEU C 139 -15.51 11.28 -22.81
C LEU C 139 -16.85 10.67 -22.40
N ILE C 140 -17.44 9.93 -23.34
CA ILE C 140 -18.75 9.31 -23.13
C ILE C 140 -18.70 7.82 -23.43
N ASN C 141 -19.43 7.03 -22.63
CA ASN C 141 -19.53 5.58 -22.84
C ASN C 141 -20.77 5.22 -23.65
N THR C 142 -21.33 4.04 -23.39
CA THR C 142 -22.56 3.59 -24.09
C THR C 142 -23.78 3.52 -23.13
N GLU C 143 -23.59 4.00 -21.90
CA GLU C 143 -24.67 4.03 -20.91
C GLU C 143 -24.90 5.45 -20.43
N GLY C 144 -24.74 6.40 -21.33
CA GLY C 144 -25.07 7.80 -21.05
C GLY C 144 -24.32 8.36 -19.86
N ALA C 145 -23.06 7.95 -19.75
CA ALA C 145 -22.13 8.55 -18.79
C ALA C 145 -21.11 9.41 -19.52
N ILE C 146 -20.75 10.52 -18.88
CA ILE C 146 -19.76 11.44 -19.40
C ILE C 146 -18.79 11.73 -18.27
N LYS C 147 -17.51 11.86 -18.62
CA LYS C 147 -16.48 12.01 -17.62
C LYS C 147 -15.52 13.10 -18.03
N LEU C 148 -15.12 13.94 -17.07
CA LEU C 148 -14.03 14.88 -17.30
C LEU C 148 -12.79 14.03 -17.60
N ALA C 149 -12.01 14.46 -18.57
CA ALA C 149 -10.81 13.74 -18.99
C ALA C 149 -9.75 14.71 -19.41
N ASP C 150 -8.60 14.16 -19.80
CA ASP C 150 -7.44 14.95 -20.16
C ASP C 150 -7.09 16.06 -19.15
N PHE C 151 -6.37 15.69 -18.09
CA PHE C 151 -5.98 16.65 -17.04
C PHE C 151 -4.56 17.16 -17.22
N GLY C 152 -4.03 17.12 -18.43
CA GLY C 152 -2.69 17.62 -18.70
C GLY C 152 -2.47 19.09 -18.30
N LEU C 153 -3.53 19.89 -18.41
CA LEU C 153 -3.47 21.29 -18.02
C LEU C 153 -4.03 21.57 -16.63
N ALA C 154 -4.46 20.53 -15.93
CA ALA C 154 -4.99 20.67 -14.60
C ALA C 154 -3.91 21.08 -13.59
N ARG C 155 -4.30 21.97 -12.68
CA ARG C 155 -3.41 22.44 -11.64
C ARG C 155 -4.11 22.27 -10.30
N ALA C 156 -3.33 21.96 -9.26
CA ALA C 156 -3.85 21.93 -7.89
C ALA C 156 -3.77 23.35 -7.37
N PHE C 157 -4.91 23.90 -6.96
CA PHE C 157 -4.93 25.28 -6.46
C PHE C 157 -4.87 25.37 -4.94
N GLY C 158 -4.63 26.58 -4.46
CA GLY C 158 -4.59 26.87 -3.03
C GLY C 158 -5.70 27.82 -2.64
N VAL C 159 -6.05 27.83 -1.36
CA VAL C 159 -7.02 28.77 -0.84
C VAL C 159 -6.30 29.83 0.02
N PRO C 160 -6.36 31.11 -0.40
CA PRO C 160 -6.95 31.59 -1.67
C PRO C 160 -5.98 31.36 -2.83
N VAL C 161 -6.50 31.37 -4.06
CA VAL C 161 -5.68 31.11 -5.26
C VAL C 161 -4.50 32.07 -5.35
N ARG C 162 -3.48 31.64 -6.09
CA ARG C 162 -2.32 32.47 -6.38
C ARG C 162 -2.36 32.76 -7.88
N THR C 163 -1.35 33.44 -8.43
CA THR C 163 -1.29 33.66 -9.87
C THR C 163 -0.82 32.38 -10.52
N TYR C 164 -1.61 31.87 -11.47
CA TYR C 164 -1.26 30.66 -12.21
C TYR C 164 -0.93 30.98 -13.66
N TPO C 165 -0.84 29.95 -14.49
CA TPO C 165 -0.54 30.13 -15.91
CB TPO C 165 -0.26 28.75 -16.49
CG2 TPO C 165 0.19 28.85 -17.94
OG1 TPO C 165 0.76 28.11 -15.72
P TPO C 165 0.54 26.90 -14.67
O1P TPO C 165 -0.22 25.85 -15.44
O2P TPO C 165 1.96 26.50 -14.31
O3P TPO C 165 -0.25 27.53 -13.56
C TPO C 165 -1.69 30.79 -16.63
O TPO C 165 -2.85 30.41 -16.41
N HIS C 166 -1.40 31.78 -17.47
CA HIS C 166 -2.46 32.45 -18.23
C HIS C 166 -2.71 31.78 -19.58
N GLU C 167 -1.68 31.08 -20.06
CA GLU C 167 -1.79 30.22 -21.23
C GLU C 167 -2.63 29.02 -20.81
N VAL C 168 -3.95 29.19 -20.84
CA VAL C 168 -4.82 28.22 -20.20
C VAL C 168 -6.24 28.26 -20.75
N VAL C 169 -6.80 27.07 -20.98
CA VAL C 169 -8.09 26.86 -21.70
C VAL C 169 -8.04 27.31 -23.17
N THR C 170 -8.47 26.43 -24.06
CA THR C 170 -8.66 26.81 -25.47
C THR C 170 -9.51 28.09 -25.52
N LEU C 171 -9.11 29.02 -26.39
CA LEU C 171 -9.81 30.29 -26.61
C LEU C 171 -11.32 30.18 -26.38
N TRP C 172 -12.02 29.50 -27.29
CA TRP C 172 -13.49 29.41 -27.30
C TRP C 172 -14.12 29.23 -25.92
N TYR C 173 -13.53 28.35 -25.13
CA TYR C 173 -14.08 27.97 -23.83
C TYR C 173 -13.48 28.79 -22.70
N ARG C 174 -12.48 29.60 -23.03
CA ARG C 174 -11.78 30.48 -22.10
C ARG C 174 -12.68 31.57 -21.56
N ALA C 175 -12.24 32.14 -20.45
CA ALA C 175 -12.50 33.53 -20.13
C ALA C 175 -13.82 33.74 -19.40
N PRO C 176 -14.32 35.01 -19.34
CA PRO C 176 -13.47 36.19 -19.57
C PRO C 176 -12.49 36.26 -18.42
N GLU C 177 -12.04 37.45 -18.04
CA GLU C 177 -11.26 37.58 -16.82
C GLU C 177 -9.88 36.92 -16.93
N ILE C 178 -9.72 35.99 -17.87
CA ILE C 178 -8.40 35.36 -18.06
C ILE C 178 -7.29 36.43 -18.35
N LEU C 179 -7.05 36.94 -19.58
CA LEU C 179 -7.89 36.94 -20.80
C LEU C 179 -9.39 37.14 -20.57
N LEU C 180 -9.83 38.37 -20.30
CA LEU C 180 -9.10 39.61 -20.62
C LEU C 180 -8.03 40.10 -19.64
N GLY C 181 -8.21 39.84 -18.34
CA GLY C 181 -7.31 40.39 -17.31
C GLY C 181 -5.96 39.69 -17.20
N CYS C 182 -5.47 39.40 -15.99
CA CYS C 182 -6.19 39.53 -14.73
C CYS C 182 -5.50 38.62 -13.73
N LYS C 183 -4.82 39.21 -12.74
CA LYS C 183 -3.97 38.46 -11.76
C LYS C 183 -4.54 37.08 -11.34
N TYR C 184 -5.72 37.11 -10.73
CA TYR C 184 -6.29 35.93 -10.12
C TYR C 184 -7.53 35.45 -10.86
N TYR C 185 -7.55 34.17 -11.18
CA TYR C 185 -8.75 33.50 -11.65
C TYR C 185 -8.91 32.24 -10.82
N SER C 186 -10.07 31.60 -10.90
CA SER C 186 -10.36 30.54 -9.96
C SER C 186 -11.14 29.37 -10.53
N THR C 187 -11.88 28.73 -9.63
CA THR C 187 -12.80 27.65 -9.92
C THR C 187 -13.83 28.04 -10.98
N ALA C 188 -14.02 29.34 -11.14
CA ALA C 188 -15.04 29.93 -12.01
C ALA C 188 -14.78 29.70 -13.49
N VAL C 189 -13.50 29.65 -13.87
CA VAL C 189 -13.11 29.45 -15.27
C VAL C 189 -13.61 28.09 -15.77
N ASP C 190 -13.52 27.07 -14.92
CA ASP C 190 -14.05 25.77 -15.23
C ASP C 190 -15.57 25.82 -15.43
N ILE C 191 -16.25 26.57 -14.57
CA ILE C 191 -17.70 26.74 -14.69
C ILE C 191 -18.06 27.41 -16.02
N TRP C 192 -17.36 28.48 -16.35
CA TRP C 192 -17.54 29.14 -17.62
C TRP C 192 -17.55 28.12 -18.76
N SER C 193 -16.42 27.44 -18.92
CA SER C 193 -16.27 26.45 -19.97
C SER C 193 -17.45 25.51 -19.93
N LEU C 194 -17.79 25.04 -18.75
CA LEU C 194 -18.86 24.09 -18.62
C LEU C 194 -20.22 24.73 -18.87
N GLY C 195 -20.25 26.03 -19.11
CA GLY C 195 -21.46 26.69 -19.57
C GLY C 195 -21.34 26.98 -21.06
N CYS C 196 -20.50 26.21 -21.75
CA CYS C 196 -20.08 26.58 -23.08
C CYS C 196 -20.19 25.62 -24.27
N ILE C 197 -20.17 24.27 -24.17
CA ILE C 197 -20.53 23.30 -23.10
C ILE C 197 -21.73 23.55 -22.17
N PHE C 198 -22.82 22.88 -22.54
CA PHE C 198 -24.17 22.97 -21.95
C PHE C 198 -25.30 23.19 -22.96
N ALA C 199 -25.12 24.01 -24.01
CA ALA C 199 -23.86 24.57 -24.44
C ALA C 199 -24.30 25.54 -25.51
N GLU C 200 -24.21 25.28 -26.82
CA GLU C 200 -23.50 24.19 -27.57
C GLU C 200 -24.01 22.74 -27.54
N MET C 201 -24.72 22.34 -26.49
CA MET C 201 -25.05 20.93 -26.35
C MET C 201 -26.10 20.28 -27.23
N VAL C 202 -27.37 20.73 -27.40
CA VAL C 202 -28.06 22.04 -27.23
C VAL C 202 -28.13 22.85 -28.54
N THR C 203 -26.96 23.15 -29.11
CA THR C 203 -26.84 23.68 -30.45
C THR C 203 -25.72 22.87 -31.10
N ARG C 204 -24.87 23.54 -31.86
CA ARG C 204 -23.54 23.02 -32.23
C ARG C 204 -22.76 24.23 -32.70
N ARG C 205 -21.44 24.05 -32.74
CA ARG C 205 -20.50 25.17 -32.71
C ARG C 205 -20.66 25.80 -31.32
N ALA C 206 -19.54 26.19 -30.73
CA ALA C 206 -19.55 26.78 -29.41
C ALA C 206 -20.31 28.09 -29.42
N LEU C 207 -20.69 28.51 -28.23
CA LEU C 207 -21.21 29.83 -27.99
C LEU C 207 -20.30 30.90 -28.55
N PHE C 208 -19.00 30.78 -28.30
CA PHE C 208 -18.08 31.85 -28.69
C PHE C 208 -16.92 31.31 -29.54
N PRO C 209 -17.18 31.01 -30.82
CA PRO C 209 -16.09 30.51 -31.65
C PRO C 209 -15.19 31.65 -32.14
N GLY C 210 -14.49 32.29 -31.21
CA GLY C 210 -13.57 33.40 -31.52
C GLY C 210 -12.42 33.03 -32.45
N ASP C 211 -11.85 34.05 -33.09
CA ASP C 211 -10.74 33.91 -34.04
C ASP C 211 -9.44 34.39 -33.43
N SER C 212 -9.57 35.36 -32.54
CA SER C 212 -8.46 35.84 -31.74
C SER C 212 -9.09 36.21 -30.41
N GLU C 213 -8.27 36.51 -29.40
CA GLU C 213 -8.78 37.24 -28.24
C GLU C 213 -9.07 38.64 -28.73
N ILE C 214 -9.91 39.34 -27.98
CA ILE C 214 -10.57 40.59 -28.43
C ILE C 214 -11.77 40.26 -29.34
N ASP C 215 -11.55 39.60 -30.48
CA ASP C 215 -12.65 38.77 -30.97
C ASP C 215 -12.81 37.79 -29.84
N GLN C 216 -13.96 37.17 -29.71
CA GLN C 216 -14.19 36.26 -28.58
C GLN C 216 -14.55 37.08 -27.37
N LEU C 217 -13.68 37.99 -26.98
CA LEU C 217 -14.07 38.96 -25.98
C LEU C 217 -15.32 39.69 -26.46
N PHE C 218 -15.39 39.96 -27.77
CA PHE C 218 -16.54 40.62 -28.37
C PHE C 218 -17.79 39.75 -28.47
N ARG C 219 -17.63 38.50 -28.91
CA ARG C 219 -18.76 37.56 -29.02
C ARG C 219 -19.46 37.35 -27.68
N ILE C 220 -18.65 37.30 -26.62
CA ILE C 220 -19.15 37.32 -25.25
C ILE C 220 -19.98 38.58 -25.01
N PHE C 221 -19.45 39.74 -25.42
CA PHE C 221 -20.13 41.05 -25.23
C PHE C 221 -21.48 41.19 -25.95
N ARG C 222 -21.66 40.59 -27.11
CA ARG C 222 -23.02 40.48 -27.65
C ARG C 222 -23.73 39.51 -26.70
N THR C 223 -24.33 40.10 -25.68
CA THR C 223 -24.95 39.46 -24.47
C THR C 223 -24.34 39.87 -23.11
N LEU C 224 -23.10 40.37 -23.12
CA LEU C 224 -22.42 40.78 -21.87
C LEU C 224 -22.34 42.33 -21.74
N GLY C 225 -21.66 42.80 -20.69
CA GLY C 225 -21.50 44.23 -20.40
C GLY C 225 -20.49 44.93 -21.30
N VAL C 257 -29.52 33.59 -25.82
CA VAL C 257 -30.87 33.03 -25.75
C VAL C 257 -31.11 31.99 -26.90
N PRO C 258 -30.99 30.67 -26.58
CA PRO C 258 -31.18 29.49 -27.44
C PRO C 258 -32.58 28.78 -27.32
N PRO C 259 -32.83 27.70 -28.11
CA PRO C 259 -34.08 26.89 -28.02
C PRO C 259 -34.26 26.11 -26.71
N LEU C 260 -33.82 26.70 -25.60
CA LEU C 260 -33.76 26.06 -24.29
C LEU C 260 -34.63 26.79 -23.27
N ASP C 261 -35.74 26.15 -22.92
CA ASP C 261 -36.69 26.57 -21.87
C ASP C 261 -36.09 27.28 -20.64
N GLU C 262 -36.92 28.03 -19.91
CA GLU C 262 -36.50 28.59 -18.62
C GLU C 262 -36.25 27.40 -17.70
N ASP C 263 -35.11 27.41 -17.01
CA ASP C 263 -34.48 26.18 -16.52
C ASP C 263 -34.03 25.42 -17.78
N GLY C 264 -32.74 25.47 -18.10
CA GLY C 264 -31.75 26.19 -17.34
C GLY C 264 -31.17 27.24 -18.24
N ARG C 265 -31.68 28.45 -18.11
CA ARG C 265 -31.26 29.53 -18.97
C ARG C 265 -30.69 30.76 -18.24
N SER C 266 -31.20 31.21 -17.09
CA SER C 266 -31.72 30.46 -15.93
C SER C 266 -30.46 29.88 -15.31
N LEU C 267 -30.18 28.61 -15.59
CA LEU C 267 -28.93 28.00 -15.18
C LEU C 267 -27.78 28.51 -16.03
N LEU C 268 -27.94 28.45 -17.35
CA LEU C 268 -26.88 28.83 -18.27
C LEU C 268 -26.24 30.15 -17.89
N SER C 269 -27.06 31.17 -17.65
CA SER C 269 -26.58 32.51 -17.42
C SER C 269 -25.68 32.64 -16.19
N GLN C 270 -25.33 31.50 -15.57
CA GLN C 270 -25.01 31.49 -14.15
C GLN C 270 -23.60 31.37 -13.56
N MET C 271 -22.65 30.54 -14.00
CA MET C 271 -22.42 29.89 -15.30
C MET C 271 -21.84 30.80 -16.36
N LEU C 272 -22.66 31.48 -17.14
CA LEU C 272 -22.11 32.45 -18.08
C LEU C 272 -22.33 33.87 -17.51
N HIS C 273 -21.57 34.20 -16.47
CA HIS C 273 -21.72 35.46 -15.73
C HIS C 273 -20.38 36.16 -15.65
N TYR C 274 -20.34 37.45 -16.02
CA TYR C 274 -19.04 38.15 -16.10
C TYR C 274 -18.14 37.90 -14.90
N ASP C 275 -18.54 38.36 -13.72
CA ASP C 275 -17.63 38.24 -12.60
C ASP C 275 -17.86 36.91 -11.90
N PRO C 276 -16.76 36.25 -11.52
CA PRO C 276 -16.79 35.00 -10.79
C PRO C 276 -17.34 35.13 -9.37
N ASN C 277 -18.09 34.10 -8.96
CA ASN C 277 -18.27 33.68 -7.55
C ASN C 277 -19.48 33.96 -6.60
N LYS C 278 -20.52 34.76 -6.93
CA LYS C 278 -20.98 35.32 -8.21
C LYS C 278 -21.35 34.38 -9.37
N ARG C 279 -20.36 33.79 -10.01
CA ARG C 279 -20.62 32.73 -10.96
C ARG C 279 -20.98 31.47 -10.16
N ILE C 280 -22.03 30.80 -10.61
CA ILE C 280 -22.78 29.82 -9.82
C ILE C 280 -21.98 28.77 -9.05
N SER C 281 -20.85 28.30 -9.59
CA SER C 281 -20.10 27.19 -8.96
C SER C 281 -20.80 25.85 -9.10
N ALA C 282 -19.99 24.81 -9.32
CA ALA C 282 -20.50 23.47 -9.59
C ALA C 282 -21.35 22.87 -8.46
N LYS C 283 -20.98 23.13 -7.21
CA LYS C 283 -21.72 22.65 -6.04
C LYS C 283 -23.15 23.20 -6.09
N ALA C 284 -23.26 24.52 -6.09
CA ALA C 284 -24.55 25.20 -6.13
C ALA C 284 -25.35 24.81 -7.38
N ALA C 285 -24.67 24.77 -8.52
CA ALA C 285 -25.29 24.44 -9.80
C ALA C 285 -25.99 23.08 -9.81
N LEU C 286 -25.53 22.18 -8.95
CA LEU C 286 -26.06 20.82 -8.88
C LEU C 286 -27.45 20.83 -8.27
N ALA C 287 -28.42 21.20 -9.10
CA ALA C 287 -29.78 21.48 -8.65
C ALA C 287 -29.75 22.67 -7.70
N HIS C 288 -30.29 23.83 -8.09
CA HIS C 288 -30.87 24.14 -9.41
C HIS C 288 -32.05 23.33 -10.01
N PRO C 289 -33.23 23.98 -10.07
CA PRO C 289 -34.46 23.48 -10.65
C PRO C 289 -34.22 22.62 -11.89
N PHE C 290 -33.40 23.11 -12.82
CA PHE C 290 -33.12 22.41 -14.08
C PHE C 290 -32.94 20.89 -13.91
N PHE C 291 -32.33 20.49 -12.79
CA PHE C 291 -31.99 19.10 -12.56
C PHE C 291 -33.04 18.33 -11.75
N GLN C 292 -34.20 18.94 -11.55
CA GLN C 292 -35.32 18.35 -10.79
C GLN C 292 -35.22 16.82 -10.57
N ASP C 293 -35.39 15.90 -11.55
CA ASP C 293 -35.80 16.02 -12.99
C ASP C 293 -34.84 15.21 -13.86
N VAL C 294 -33.60 15.03 -13.39
CA VAL C 294 -32.59 14.32 -14.17
C VAL C 294 -33.01 12.87 -14.45
N THR C 295 -32.61 12.38 -15.62
CA THR C 295 -32.70 10.96 -15.94
C THR C 295 -31.25 10.55 -16.27
N LYS C 296 -31.05 9.38 -16.88
CA LYS C 296 -29.73 8.98 -17.39
C LYS C 296 -29.90 8.15 -18.67
N PRO C 297 -30.24 8.82 -19.80
CA PRO C 297 -30.54 8.11 -21.04
C PRO C 297 -29.30 7.50 -21.67
N VAL C 298 -29.47 6.38 -22.35
CA VAL C 298 -28.43 5.82 -23.20
C VAL C 298 -28.42 6.67 -24.46
N PRO C 299 -27.24 7.10 -24.91
CA PRO C 299 -27.22 7.92 -26.12
C PRO C 299 -27.36 7.00 -27.33
N HIS C 300 -27.84 7.54 -28.45
CA HIS C 300 -27.87 6.72 -29.65
C HIS C 300 -26.62 6.94 -30.48
N LEU C 301 -25.74 5.96 -30.42
CA LEU C 301 -24.42 6.00 -31.09
C LEU C 301 -24.47 5.31 -32.44
N VAL D 2 -13.35 33.53 -4.90
CA VAL D 2 -14.07 32.23 -4.75
C VAL D 2 -14.06 31.67 -3.32
N PRO D 3 -15.26 31.46 -2.73
CA PRO D 3 -15.48 30.90 -1.40
C PRO D 3 -15.91 29.42 -1.36
N ASP D 4 -17.21 29.16 -1.60
CA ASP D 4 -17.93 27.92 -1.20
C ASP D 4 -17.37 26.52 -1.52
N TYR D 5 -16.04 26.42 -1.64
CA TYR D 5 -15.35 25.13 -1.51
C TYR D 5 -14.37 25.17 -0.35
N HIS D 6 -14.34 26.30 0.37
CA HIS D 6 -13.40 26.51 1.47
C HIS D 6 -13.35 25.36 2.47
N GLU D 7 -14.51 24.80 2.81
CA GLU D 7 -14.56 23.81 3.89
C GLU D 7 -14.19 22.39 3.48
N ASP D 8 -14.78 21.91 2.39
CA ASP D 8 -14.49 20.55 1.91
C ASP D 8 -13.08 20.37 1.33
N ILE D 9 -12.49 21.48 0.88
CA ILE D 9 -11.08 21.54 0.51
C ILE D 9 -10.26 21.40 1.78
N HIS D 10 -10.62 22.17 2.81
CA HIS D 10 -9.89 22.18 4.07
C HIS D 10 -9.94 20.81 4.70
N THR D 11 -11.14 20.24 4.82
CA THR D 11 -11.26 18.93 5.45
C THR D 11 -10.66 17.84 4.55
N TYR D 12 -10.54 18.12 3.25
CA TYR D 12 -9.81 17.23 2.35
C TYR D 12 -8.31 17.22 2.60
N LEU D 13 -7.71 18.41 2.69
CA LEU D 13 -6.27 18.52 2.94
C LEU D 13 -5.96 17.96 4.32
N ARG D 14 -6.92 18.10 5.21
CA ARG D 14 -6.81 17.51 6.53
C ARG D 14 -6.63 16.00 6.49
N GLU D 15 -7.45 15.31 5.71
CA GLU D 15 -7.32 13.87 5.63
C GLU D 15 -6.21 13.45 4.68
N MET D 16 -5.72 14.41 3.90
CA MET D 16 -4.59 14.16 3.00
C MET D 16 -3.24 14.24 3.70
N GLU D 17 -3.12 15.17 4.65
CA GLU D 17 -1.86 15.43 5.37
C GLU D 17 -1.49 14.24 6.23
N VAL D 18 -2.47 13.38 6.47
CA VAL D 18 -2.29 12.18 7.24
C VAL D 18 -1.67 11.07 6.38
N LYS D 19 -2.15 10.93 5.16
CA LYS D 19 -1.62 9.93 4.26
C LYS D 19 -0.20 10.32 3.78
N CYS D 20 0.03 11.62 3.58
CA CYS D 20 1.28 12.14 3.01
C CYS D 20 2.40 12.39 4.04
N LYS D 21 2.10 12.15 5.31
CA LYS D 21 3.04 12.40 6.39
C LYS D 21 4.13 11.34 6.37
N PRO D 22 5.41 11.77 6.42
CA PRO D 22 6.55 10.85 6.48
C PRO D 22 6.68 10.10 7.81
N LYS D 23 7.56 9.11 7.84
CA LYS D 23 7.86 8.36 9.07
C LYS D 23 8.55 9.27 10.09
N VAL D 24 7.93 9.45 11.26
CA VAL D 24 8.51 10.32 12.33
C VAL D 24 9.94 9.93 12.73
N GLY D 25 10.23 8.64 12.72
CA GLY D 25 11.56 8.21 13.09
C GLY D 25 12.57 8.20 11.96
N TYR D 26 12.09 8.17 10.71
CA TYR D 26 12.85 7.71 9.53
C TYR D 26 14.38 7.80 9.59
N MET D 27 14.90 8.93 10.05
CA MET D 27 16.35 9.10 10.12
C MET D 27 17.04 8.02 10.99
N LYS D 28 16.36 7.61 12.07
CA LYS D 28 16.81 6.48 12.90
C LYS D 28 17.02 5.19 12.08
N LYS D 29 16.31 5.05 10.96
CA LYS D 29 16.44 3.87 10.10
C LYS D 29 17.49 4.06 9.00
N GLN D 30 17.99 5.30 8.85
CA GLN D 30 18.97 5.66 7.82
C GLN D 30 20.42 5.57 8.31
N PRO D 31 21.16 4.51 7.91
CA PRO D 31 22.46 4.20 8.50
C PRO D 31 23.50 5.28 8.26
N ASP D 32 23.32 6.03 7.18
CA ASP D 32 24.36 6.89 6.64
C ASP D 32 24.04 8.37 6.82
N ILE D 33 22.78 8.72 7.01
CA ILE D 33 22.39 10.13 7.10
C ILE D 33 21.65 10.48 8.41
N THR D 34 21.67 11.76 8.76
CA THR D 34 21.19 12.22 10.07
C THR D 34 20.27 13.43 9.95
N ASN D 35 19.51 13.71 11.00
CA ASN D 35 18.71 14.92 11.09
C ASN D 35 19.46 16.22 10.78
N SER D 36 20.76 16.22 11.04
CA SER D 36 21.62 17.38 10.85
C SER D 36 21.92 17.64 9.37
N MET D 37 22.23 16.55 8.67
CA MET D 37 22.56 16.60 7.25
C MET D 37 21.31 17.05 6.50
N ARG D 38 20.18 16.53 6.95
CA ARG D 38 18.89 16.91 6.41
C ARG D 38 18.65 18.40 6.63
N ALA D 39 19.02 18.89 7.81
CA ALA D 39 18.88 20.31 8.13
C ALA D 39 19.68 21.16 7.16
N ILE D 40 20.91 20.73 6.89
CA ILE D 40 21.75 21.36 5.86
C ILE D 40 21.02 21.44 4.53
N LEU D 41 20.60 20.27 4.04
CA LEU D 41 19.89 20.13 2.78
C LEU D 41 18.70 21.07 2.69
N VAL D 42 17.86 21.08 3.72
CA VAL D 42 16.68 21.95 3.70
C VAL D 42 17.10 23.41 3.58
N ASP D 43 18.10 23.84 4.37
CA ASP D 43 18.65 25.20 4.28
C ASP D 43 19.14 25.47 2.86
N TRP D 44 19.79 24.49 2.25
CA TRP D 44 20.30 24.64 0.89
C TRP D 44 19.17 24.78 -0.13
N LEU D 45 18.06 24.11 0.11
CA LEU D 45 16.90 24.28 -0.76
C LEU D 45 16.35 25.69 -0.63
N VAL D 46 16.39 26.23 0.59
CA VAL D 46 15.94 27.61 0.82
C VAL D 46 16.68 28.55 -0.13
N GLU D 47 18.00 28.41 -0.17
CA GLU D 47 18.84 29.21 -1.06
C GLU D 47 18.38 29.03 -2.49
N VAL D 48 18.27 27.77 -2.92
CA VAL D 48 17.81 27.42 -4.25
C VAL D 48 16.45 28.08 -4.51
N GLY D 49 15.62 28.09 -3.47
CA GLY D 49 14.31 28.74 -3.53
C GLY D 49 14.41 30.23 -3.70
N GLU D 50 15.50 30.83 -3.20
CA GLU D 50 15.68 32.29 -3.32
C GLU D 50 16.43 32.74 -4.58
N GLU D 51 17.41 31.98 -5.05
CA GLU D 51 18.12 32.34 -6.28
C GLU D 51 17.24 32.18 -7.51
N TYR D 52 16.18 31.38 -7.40
CA TYR D 52 15.29 31.19 -8.53
C TYR D 52 13.93 31.78 -8.29
N LYS D 53 13.84 32.49 -7.17
CA LYS D 53 12.60 33.14 -6.71
C LYS D 53 11.37 32.24 -6.87
N LEU D 54 11.50 31.02 -6.35
CA LEU D 54 10.44 30.02 -6.40
C LEU D 54 9.41 30.34 -5.35
N GLN D 55 8.21 29.76 -5.48
CA GLN D 55 7.17 29.91 -4.47
C GLN D 55 7.61 29.23 -3.19
N ASN D 56 7.16 29.74 -2.07
CA ASN D 56 7.44 29.10 -0.79
C ASN D 56 6.75 27.75 -0.75
N GLU D 57 5.60 27.69 -1.42
CA GLU D 57 4.85 26.46 -1.57
C GLU D 57 5.74 25.39 -2.22
N THR D 58 6.49 25.78 -3.24
CA THR D 58 7.43 24.86 -3.89
C THR D 58 8.42 24.26 -2.89
N LEU D 59 8.99 25.09 -2.01
CA LEU D 59 10.00 24.64 -1.05
C LEU D 59 9.42 23.66 -0.01
N HIS D 60 8.19 23.92 0.45
CA HIS D 60 7.49 22.97 1.33
C HIS D 60 7.27 21.57 0.73
N LEU D 61 6.79 21.52 -0.52
CA LEU D 61 6.54 20.27 -1.24
C LEU D 61 7.82 19.45 -1.41
N ALA D 62 8.88 20.09 -1.88
CA ALA D 62 10.17 19.42 -2.01
C ALA D 62 10.59 18.73 -0.70
N VAL D 63 10.45 19.44 0.42
CA VAL D 63 10.72 18.87 1.74
C VAL D 63 9.84 17.63 2.03
N ASN D 64 8.53 17.74 1.81
CA ASN D 64 7.63 16.60 1.93
C ASN D 64 8.09 15.48 1.02
N TYR D 65 8.40 15.83 -0.22
CA TYR D 65 8.91 14.86 -1.19
C TYR D 65 10.14 14.19 -0.63
N ILE D 66 11.11 14.99 -0.19
CA ILE D 66 12.33 14.44 0.42
C ILE D 66 12.07 13.50 1.60
N ASP D 67 11.22 13.92 2.53
CA ASP D 67 11.04 13.16 3.75
C ASP D 67 10.45 11.79 3.43
N ARG D 68 9.45 11.78 2.56
CA ARG D 68 8.78 10.57 2.17
C ARG D 68 9.71 9.64 1.42
N PHE D 69 10.49 10.19 0.51
CA PHE D 69 11.45 9.40 -0.20
C PHE D 69 12.37 8.68 0.80
N LEU D 70 12.96 9.48 1.70
CA LEU D 70 13.86 8.99 2.74
C LEU D 70 13.17 8.15 3.82
N SER D 71 11.84 8.22 3.87
CA SER D 71 11.04 7.32 4.71
C SER D 71 10.97 5.90 4.15
N SER D 72 11.57 5.67 2.97
CA SER D 72 11.59 4.30 2.38
C SER D 72 12.84 3.87 1.58
N MET D 73 13.72 4.78 1.24
CA MET D 73 14.97 4.39 0.57
C MET D 73 16.15 4.79 1.42
N SER D 74 17.05 3.85 1.63
CA SER D 74 18.32 4.19 2.26
C SER D 74 19.03 5.08 1.27
N VAL D 75 19.58 6.18 1.75
CA VAL D 75 20.40 7.04 0.92
C VAL D 75 21.75 7.21 1.60
N LEU D 76 22.82 7.08 0.83
CA LEU D 76 24.15 7.39 1.33
C LEU D 76 24.34 8.91 1.41
N ARG D 77 25.15 9.36 2.36
CA ARG D 77 25.46 10.79 2.52
C ARG D 77 25.74 11.48 1.18
N GLY D 78 26.52 10.81 0.34
CA GLY D 78 26.98 11.38 -0.92
C GLY D 78 25.92 11.65 -1.96
N LYS D 79 24.70 11.24 -1.69
CA LYS D 79 23.65 11.30 -2.69
C LYS D 79 22.42 12.03 -2.21
N LEU D 80 22.43 12.40 -0.92
CA LEU D 80 21.34 13.15 -0.29
C LEU D 80 21.01 14.41 -1.09
N GLN D 81 22.05 15.13 -1.52
CA GLN D 81 21.84 16.32 -2.32
C GLN D 81 21.11 15.98 -3.63
N LEU D 82 21.39 14.82 -4.17
CA LEU D 82 20.77 14.44 -5.42
C LEU D 82 19.27 14.25 -5.20
N VAL D 83 18.91 13.52 -4.14
CA VAL D 83 17.52 13.37 -3.77
C VAL D 83 16.88 14.75 -3.58
N GLY D 84 17.63 15.65 -2.96
CA GLY D 84 17.14 16.99 -2.68
C GLY D 84 16.85 17.80 -3.92
N THR D 85 17.77 17.75 -4.88
CA THR D 85 17.63 18.48 -6.14
C THR D 85 16.48 17.90 -6.94
N ALA D 86 16.49 16.57 -7.07
CA ALA D 86 15.44 15.88 -7.78
C ALA D 86 14.07 16.24 -7.21
N ALA D 87 13.99 16.46 -5.89
CA ALA D 87 12.74 16.85 -5.23
C ALA D 87 12.33 18.25 -5.64
N MET D 88 13.27 19.18 -5.50
CA MET D 88 13.07 20.58 -5.82
C MET D 88 12.61 20.69 -7.26
N LEU D 89 13.29 19.96 -8.14
CA LEU D 89 12.94 19.94 -9.54
C LEU D 89 11.49 19.50 -9.67
N LEU D 90 11.17 18.35 -9.08
CA LEU D 90 9.80 17.86 -9.07
C LEU D 90 8.80 18.86 -8.51
N ALA D 91 9.10 19.45 -7.36
CA ALA D 91 8.19 20.40 -6.73
C ALA D 91 8.00 21.61 -7.63
N SER D 92 9.10 21.99 -8.29
CA SER D 92 9.07 23.05 -9.28
C SER D 92 8.14 22.69 -10.42
N LYS D 93 8.40 21.57 -11.07
CA LYS D 93 7.51 21.10 -12.14
C LYS D 93 6.04 21.09 -11.70
N PHE D 94 5.78 20.57 -10.51
CA PHE D 94 4.42 20.50 -10.01
C PHE D 94 3.80 21.86 -9.78
N GLU D 95 4.52 22.74 -9.10
CA GLU D 95 3.97 23.97 -8.55
C GLU D 95 4.23 25.21 -9.39
N GLU D 96 5.42 25.31 -9.96
CA GLU D 96 5.87 26.54 -10.58
C GLU D 96 5.26 26.83 -11.95
N ILE D 97 4.65 28.00 -12.06
CA ILE D 97 4.31 28.60 -13.35
C ILE D 97 5.47 28.44 -14.36
N TYR D 98 6.67 28.87 -13.98
CA TYR D 98 7.82 28.88 -14.87
C TYR D 98 9.02 28.19 -14.20
N PRO D 99 9.02 26.85 -14.16
CA PRO D 99 10.05 26.15 -13.39
C PRO D 99 11.45 26.31 -14.01
N PRO D 100 12.47 26.42 -13.15
CA PRO D 100 13.82 26.44 -13.68
C PRO D 100 14.03 25.16 -14.49
N GLU D 101 14.71 25.27 -15.62
CA GLU D 101 15.02 24.11 -16.41
C GLU D 101 16.02 23.21 -15.66
N VAL D 102 16.01 21.91 -15.97
CA VAL D 102 16.90 20.98 -15.27
C VAL D 102 18.33 21.50 -15.20
N ALA D 103 18.84 22.07 -16.30
CA ALA D 103 20.22 22.59 -16.32
C ALA D 103 20.52 23.48 -15.12
N GLU D 104 19.57 24.36 -14.78
CA GLU D 104 19.68 25.22 -13.60
C GLU D 104 19.85 24.43 -12.32
N PHE D 105 19.14 23.33 -12.19
CA PHE D 105 19.23 22.53 -10.98
C PHE D 105 20.57 21.84 -10.89
N VAL D 106 21.11 21.44 -12.06
CA VAL D 106 22.45 20.87 -12.12
C VAL D 106 23.48 21.93 -11.71
N TYR D 107 23.17 23.18 -12.01
CA TYR D 107 24.07 24.27 -11.68
C TYR D 107 24.25 24.52 -10.19
N ILE D 108 23.17 24.54 -9.41
CA ILE D 108 23.28 24.83 -7.97
C ILE D 108 23.88 23.68 -7.16
N THR D 109 23.79 22.46 -7.66
CA THR D 109 24.36 21.32 -6.95
C THR D 109 25.85 21.20 -7.22
N ASP D 110 26.42 22.27 -7.80
CA ASP D 110 27.88 22.44 -8.04
C ASP D 110 28.56 21.26 -8.73
N ASP D 111 27.74 20.24 -9.05
CA ASP D 111 28.15 18.98 -9.70
C ASP D 111 29.62 18.60 -9.51
N THR D 112 29.93 17.61 -8.66
CA THR D 112 29.00 16.64 -8.04
C THR D 112 28.09 15.82 -8.98
N TYR D 113 26.93 16.36 -9.37
CA TYR D 113 25.94 15.57 -10.11
C TYR D 113 25.78 15.92 -11.57
N THR D 114 25.86 14.90 -12.43
CA THR D 114 25.58 15.03 -13.86
C THR D 114 24.07 15.16 -14.06
N LYS D 115 23.68 15.84 -15.12
CA LYS D 115 22.28 15.99 -15.49
C LYS D 115 21.50 14.66 -15.53
N LYS D 116 22.14 13.60 -16.03
CA LYS D 116 21.47 12.31 -16.15
C LYS D 116 21.14 11.74 -14.77
N GLN D 117 22.04 11.97 -13.82
CA GLN D 117 21.83 11.55 -12.43
C GLN D 117 20.70 12.32 -11.77
N VAL D 118 20.58 13.60 -12.08
CA VAL D 118 19.45 14.38 -11.62
C VAL D 118 18.18 13.74 -12.14
N LEU D 119 18.19 13.38 -13.43
CA LEU D 119 17.00 12.99 -14.15
C LEU D 119 16.54 11.59 -13.83
N ARG D 120 17.50 10.69 -13.68
CA ARG D 120 17.21 9.35 -13.19
C ARG D 120 16.66 9.46 -11.77
N MET D 121 17.24 10.34 -10.95
CA MET D 121 16.73 10.57 -9.60
C MET D 121 15.32 11.11 -9.59
N GLU D 122 15.00 12.02 -10.51
CA GLU D 122 13.63 12.51 -10.63
C GLU D 122 12.65 11.36 -10.78
N HIS D 123 12.94 10.47 -11.72
CA HIS D 123 12.07 9.33 -12.03
C HIS D 123 11.96 8.42 -10.81
N LEU D 124 13.09 8.18 -10.15
CA LEU D 124 13.11 7.35 -8.97
C LEU D 124 12.27 7.95 -7.86
N VAL D 125 12.36 9.26 -7.67
CA VAL D 125 11.57 9.91 -6.65
C VAL D 125 10.09 9.77 -6.99
N LEU D 126 9.78 9.70 -8.27
CA LEU D 126 8.39 9.58 -8.72
C LEU D 126 7.88 8.18 -8.49
N LYS D 127 8.70 7.19 -8.78
CA LYS D 127 8.39 5.78 -8.50
C LYS D 127 8.26 5.47 -7.02
N VAL D 128 9.06 6.14 -6.19
CA VAL D 128 9.03 5.84 -4.77
C VAL D 128 7.81 6.47 -4.16
N LEU D 129 7.54 7.72 -4.54
CA LEU D 129 6.32 8.43 -4.10
C LEU D 129 5.08 8.02 -4.89
N THR D 130 5.24 7.08 -5.83
CA THR D 130 4.17 6.64 -6.73
C THR D 130 3.32 7.81 -7.25
N PHE D 131 3.98 8.85 -7.73
CA PHE D 131 3.36 10.03 -8.33
C PHE D 131 2.42 10.85 -7.44
N ASP D 132 2.38 10.55 -6.14
CA ASP D 132 1.51 11.26 -5.19
C ASP D 132 2.20 12.52 -4.73
N LEU D 133 1.97 13.60 -5.48
CA LEU D 133 2.74 14.82 -5.27
C LEU D 133 1.90 15.96 -4.75
N ALA D 134 0.59 15.74 -4.69
CA ALA D 134 -0.36 16.75 -4.28
C ALA D 134 -0.41 16.80 -2.76
N ALA D 135 0.75 16.92 -2.13
CA ALA D 135 0.85 16.89 -0.69
C ALA D 135 0.49 18.24 -0.06
N PRO D 136 -0.50 18.25 0.83
CA PRO D 136 -0.79 19.49 1.53
C PRO D 136 0.40 19.85 2.41
N THR D 137 0.67 21.16 2.51
CA THR D 137 1.87 21.68 3.17
C THR D 137 1.49 22.60 4.30
N VAL D 138 2.49 23.03 5.06
CA VAL D 138 2.29 24.01 6.12
C VAL D 138 1.84 25.32 5.49
N ASN D 139 2.49 25.68 4.39
CA ASN D 139 2.18 26.89 3.67
C ASN D 139 0.73 26.97 3.17
N GLN D 140 0.18 25.82 2.76
CA GLN D 140 -1.18 25.75 2.22
C GLN D 140 -2.23 26.04 3.28
N PHE D 141 -2.08 25.41 4.45
CA PHE D 141 -2.92 25.70 5.60
C PHE D 141 -2.72 27.14 6.11
N LEU D 142 -1.47 27.61 6.13
CA LEU D 142 -1.19 28.98 6.51
C LEU D 142 -2.09 29.95 5.74
N THR D 143 -2.05 29.88 4.41
CA THR D 143 -2.78 30.81 3.55
C THR D 143 -4.28 30.67 3.73
N GLN D 144 -4.72 29.52 4.23
CA GLN D 144 -6.12 29.36 4.60
C GLN D 144 -6.37 30.08 5.93
N TYR D 145 -5.45 29.88 6.87
CA TYR D 145 -5.56 30.51 8.18
C TYR D 145 -5.46 32.03 8.03
N PHE D 146 -4.78 32.50 6.98
CA PHE D 146 -4.59 33.94 6.75
C PHE D 146 -5.92 34.63 6.49
N LEU D 147 -6.88 33.89 5.94
CA LEU D 147 -8.21 34.42 5.68
C LEU D 147 -8.93 34.81 6.97
N HIS D 148 -8.88 33.94 7.97
CA HIS D 148 -9.59 34.19 9.23
C HIS D 148 -8.86 35.19 10.12
N GLN D 149 -7.77 35.78 9.60
CA GLN D 149 -7.11 36.92 10.23
C GLN D 149 -8.05 38.12 10.02
N GLN D 150 -7.59 39.16 9.33
CA GLN D 150 -8.43 40.30 8.94
C GLN D 150 -8.84 41.21 10.13
N PRO D 151 -8.47 42.50 10.09
CA PRO D 151 -7.72 43.15 9.00
C PRO D 151 -6.34 42.51 8.86
N ALA D 152 -6.06 42.00 7.66
CA ALA D 152 -4.82 41.29 7.39
C ALA D 152 -3.60 42.10 7.82
N ASN D 153 -2.67 41.48 8.55
CA ASN D 153 -1.38 42.10 8.85
C ASN D 153 -0.23 41.41 8.13
N CYS D 154 0.58 42.20 7.43
CA CYS D 154 1.63 41.65 6.57
C CYS D 154 2.92 41.31 7.30
N LYS D 155 3.07 41.80 8.53
CA LYS D 155 4.14 41.31 9.38
C LYS D 155 3.78 39.92 9.95
N VAL D 156 2.53 39.73 10.38
CA VAL D 156 2.04 38.43 10.82
C VAL D 156 2.12 37.43 9.67
N GLU D 157 1.58 37.81 8.51
CA GLU D 157 1.58 36.97 7.30
C GLU D 157 2.97 36.49 6.91
N SER D 158 3.99 37.31 7.15
CA SER D 158 5.36 36.92 6.84
C SER D 158 6.00 36.19 8.00
N LEU D 159 5.58 36.50 9.22
CA LEU D 159 6.16 35.84 10.40
C LEU D 159 5.69 34.39 10.47
N ALA D 160 4.39 34.18 10.32
CA ALA D 160 3.81 32.84 10.20
C ALA D 160 4.56 32.02 9.15
N MET D 161 4.86 32.65 8.02
CA MET D 161 5.58 31.99 6.93
C MET D 161 7.03 31.72 7.29
N PHE D 162 7.66 32.66 7.99
CA PHE D 162 9.01 32.49 8.52
C PHE D 162 9.08 31.29 9.45
N LEU D 163 8.13 31.22 10.37
CA LEU D 163 8.12 30.18 11.39
C LEU D 163 7.91 28.79 10.80
N GLY D 164 6.86 28.66 9.98
CA GLY D 164 6.59 27.42 9.24
C GLY D 164 7.81 26.92 8.50
N GLU D 165 8.48 27.85 7.82
CA GLU D 165 9.70 27.55 7.09
C GLU D 165 10.83 27.03 7.96
N LEU D 166 10.98 27.59 9.16
CA LEU D 166 11.99 27.14 10.11
C LEU D 166 11.71 25.72 10.57
N SER D 167 10.44 25.32 10.57
CA SER D 167 10.06 23.97 11.01
C SER D 167 10.48 22.91 10.00
N LEU D 168 10.62 23.31 8.74
CA LEU D 168 11.10 22.43 7.69
C LEU D 168 12.53 21.98 7.98
N ILE D 169 13.30 22.85 8.61
CA ILE D 169 14.72 22.58 8.87
C ILE D 169 14.96 21.41 9.83
N ASP D 170 14.07 21.27 10.81
CA ASP D 170 14.32 20.40 11.96
C ASP D 170 13.40 19.19 12.05
N ALA D 171 13.88 18.05 11.56
CA ALA D 171 13.13 16.80 11.63
C ALA D 171 12.68 16.62 13.05
N ASP D 172 13.65 16.71 13.95
CA ASP D 172 13.38 16.77 15.36
C ASP D 172 13.17 18.23 15.78
N PRO D 173 11.99 18.57 16.30
CA PRO D 173 10.83 17.71 16.58
C PRO D 173 9.80 17.56 15.46
N TYR D 174 9.84 18.47 14.48
CA TYR D 174 8.68 18.80 13.64
C TYR D 174 8.14 17.68 12.74
N LEU D 175 8.99 16.72 12.43
CA LEU D 175 8.60 15.60 11.60
C LEU D 175 7.47 14.77 12.23
N LYS D 176 6.88 15.27 13.31
CA LYS D 176 5.81 14.57 14.01
C LYS D 176 4.56 15.42 14.23
N TYR D 177 4.67 16.72 13.98
CA TYR D 177 3.48 17.54 13.91
C TYR D 177 2.97 17.56 12.46
N LEU D 178 1.66 17.47 12.31
CA LEU D 178 1.01 17.62 11.01
C LEU D 178 1.20 19.06 10.51
N PRO D 179 1.15 19.26 9.19
CA PRO D 179 1.31 20.64 8.69
C PRO D 179 0.24 21.56 9.25
N SER D 180 -1.01 21.09 9.30
CA SER D 180 -2.13 21.87 9.83
C SER D 180 -1.89 22.36 11.26
N VAL D 181 -1.23 21.52 12.05
CA VAL D 181 -0.77 21.86 13.38
C VAL D 181 0.42 22.83 13.34
N ILE D 182 1.56 22.40 12.79
CA ILE D 182 2.72 23.29 12.63
C ILE D 182 2.25 24.65 12.15
N ALA D 183 1.38 24.65 11.15
CA ALA D 183 0.84 25.88 10.56
C ALA D 183 -0.01 26.67 11.55
N GLY D 184 -0.78 25.97 12.38
CA GLY D 184 -1.57 26.61 13.44
C GLY D 184 -0.68 27.25 14.49
N ALA D 185 0.31 26.48 14.95
CA ALA D 185 1.28 26.96 15.92
C ALA D 185 2.02 28.16 15.35
N ALA D 186 2.31 28.13 14.05
CA ALA D 186 3.03 29.22 13.41
C ALA D 186 2.17 30.47 13.33
N PHE D 187 0.86 30.26 13.22
CA PHE D 187 -0.08 31.37 13.06
C PHE D 187 -0.34 32.08 14.39
N HIS D 188 -0.68 31.32 15.42
CA HIS D 188 -0.79 31.90 16.74
C HIS D 188 0.50 32.62 17.13
N LEU D 189 1.63 31.93 17.03
CA LEU D 189 2.92 32.48 17.39
C LEU D 189 3.10 33.87 16.78
N ALA D 190 2.90 33.95 15.47
CA ALA D 190 3.05 35.21 14.73
C ALA D 190 2.07 36.30 15.19
N LEU D 191 0.80 35.94 15.31
CA LEU D 191 -0.26 36.85 15.73
C LEU D 191 0.05 37.46 17.11
N TYR D 192 0.10 36.60 18.14
CA TYR D 192 0.56 36.97 19.49
C TYR D 192 1.81 37.86 19.45
N THR D 193 2.73 37.58 18.53
CA THR D 193 3.96 38.35 18.44
C THR D 193 3.75 39.77 17.90
N VAL D 194 3.16 39.88 16.71
CA VAL D 194 3.02 41.20 16.08
C VAL D 194 1.82 41.98 16.65
N THR D 195 0.61 41.60 16.25
CA THR D 195 -0.61 42.31 16.69
C THR D 195 -0.88 42.18 18.19
N GLY D 196 -0.30 41.17 18.81
CA GLY D 196 -0.53 40.89 20.23
C GLY D 196 -1.77 40.07 20.45
N GLN D 197 -2.43 39.69 19.36
CA GLN D 197 -3.66 38.92 19.40
C GLN D 197 -3.40 37.44 19.75
N SER D 198 -4.40 36.59 19.50
CA SER D 198 -4.32 35.16 19.82
C SER D 198 -5.07 34.31 18.79
N TRP D 199 -4.95 32.99 18.92
CA TRP D 199 -5.64 32.01 18.07
C TRP D 199 -7.14 32.29 17.90
N PRO D 200 -7.55 32.76 16.71
CA PRO D 200 -8.89 33.26 16.42
C PRO D 200 -10.01 32.25 16.64
N GLU D 201 -11.19 32.79 16.94
CA GLU D 201 -12.38 31.99 17.26
C GLU D 201 -12.92 31.31 16.01
N SER D 202 -12.91 32.04 14.91
CA SER D 202 -13.26 31.49 13.60
C SER D 202 -12.34 30.33 13.25
N LEU D 203 -11.14 30.34 13.83
CA LEU D 203 -10.15 29.29 13.57
C LEU D 203 -10.21 28.06 14.47
N ILE D 204 -10.75 28.21 15.68
CA ILE D 204 -11.06 27.04 16.50
C ILE D 204 -12.31 26.34 15.94
N ARG D 205 -13.16 27.12 15.28
CA ARG D 205 -14.34 26.60 14.58
C ARG D 205 -13.97 25.63 13.44
N LYS D 206 -13.15 26.11 12.51
CA LYS D 206 -12.81 25.41 11.25
C LYS D 206 -11.95 24.16 11.49
N THR D 207 -10.91 24.33 12.30
CA THR D 207 -9.86 23.33 12.47
C THR D 207 -10.14 22.38 13.63
N GLY D 208 -10.82 22.87 14.66
CA GLY D 208 -11.02 22.08 15.87
C GLY D 208 -9.75 21.98 16.70
N TYR D 209 -8.81 22.90 16.47
CA TYR D 209 -7.62 22.99 17.30
C TYR D 209 -7.79 24.07 18.34
N THR D 210 -7.83 23.66 19.60
CA THR D 210 -7.65 24.63 20.67
C THR D 210 -6.14 24.65 20.95
N LEU D 211 -5.70 25.68 21.66
CA LEU D 211 -4.28 25.85 21.98
C LEU D 211 -3.82 24.79 22.96
N GLU D 212 -4.77 24.04 23.54
CA GLU D 212 -4.42 22.94 24.41
C GLU D 212 -3.98 21.71 23.59
N SER D 213 -4.46 21.64 22.34
CA SER D 213 -3.97 20.62 21.39
C SER D 213 -2.92 21.22 20.45
N LEU D 214 -2.79 22.54 20.47
CA LEU D 214 -1.68 23.23 19.79
C LEU D 214 -0.43 23.36 20.66
N LYS D 215 -0.64 23.46 21.97
CA LYS D 215 0.41 23.63 23.00
C LYS D 215 1.81 23.04 22.68
N PRO D 216 1.95 21.70 22.58
CA PRO D 216 3.31 21.13 22.51
C PRO D 216 4.11 21.67 21.32
N CYS D 217 3.40 21.89 20.21
CA CYS D 217 3.96 22.45 18.99
C CYS D 217 4.41 23.88 19.21
N LEU D 218 3.55 24.69 19.83
CA LEU D 218 3.87 26.06 20.21
C LEU D 218 5.14 26.11 21.03
N MET D 219 5.24 25.22 22.00
CA MET D 219 6.43 25.11 22.83
C MET D 219 7.66 24.99 21.94
N ASP D 220 7.72 23.90 21.17
CA ASP D 220 8.82 23.62 20.24
C ASP D 220 9.08 24.77 19.28
N LEU D 221 8.01 25.30 18.70
CA LEU D 221 8.13 26.39 17.73
C LEU D 221 8.69 27.61 18.42
N HIS D 222 8.12 27.92 19.58
CA HIS D 222 8.62 29.01 20.43
C HIS D 222 10.09 28.84 20.76
N GLN D 223 10.50 27.59 21.03
CA GLN D 223 11.89 27.23 21.28
C GLN D 223 12.80 27.53 20.10
N THR D 224 12.51 26.92 18.96
CA THR D 224 13.31 27.10 17.75
C THR D 224 13.32 28.54 17.27
N TYR D 225 12.20 29.24 17.46
CA TYR D 225 12.13 30.68 17.17
C TYR D 225 13.13 31.46 18.00
N LEU D 226 13.06 31.30 19.33
CA LEU D 226 13.98 31.96 20.27
C LEU D 226 15.43 31.69 19.92
N LYS D 227 15.81 30.42 19.95
CA LYS D 227 17.20 30.04 19.76
C LYS D 227 17.57 29.96 18.27
N ALA D 228 16.80 30.62 17.41
CA ALA D 228 17.06 30.63 15.95
C ALA D 228 18.40 31.24 15.58
N PRO D 229 18.68 32.51 15.99
CA PRO D 229 19.86 33.19 15.46
C PRO D 229 21.18 32.49 15.82
N GLN D 230 21.09 31.45 16.64
CA GLN D 230 22.24 30.66 17.04
C GLN D 230 22.27 29.33 16.29
N HIS D 231 21.19 29.04 15.55
CA HIS D 231 21.06 27.79 14.79
C HIS D 231 21.90 27.79 13.53
N ALA D 232 22.69 26.72 13.35
CA ALA D 232 23.62 26.59 12.23
C ALA D 232 23.01 26.95 10.88
N GLN D 233 21.73 26.64 10.72
CA GLN D 233 21.00 26.88 9.50
C GLN D 233 20.46 28.30 9.47
N GLN D 234 21.08 29.15 8.66
CA GLN D 234 20.83 30.57 8.72
C GLN D 234 20.01 31.17 7.57
N SER D 235 19.94 30.47 6.44
CA SER D 235 19.27 30.97 5.23
C SER D 235 17.82 31.45 5.37
N ILE D 236 17.03 30.78 6.20
CA ILE D 236 15.63 31.19 6.39
C ILE D 236 15.55 32.56 7.04
N ARG D 237 16.43 32.82 8.00
CA ARG D 237 16.54 34.13 8.63
C ARG D 237 17.02 35.16 7.61
N GLU D 238 18.09 34.81 6.90
CA GLU D 238 18.64 35.61 5.81
C GLU D 238 17.59 35.91 4.76
N LYS D 239 16.65 35.00 4.60
CA LYS D 239 15.57 35.19 3.65
C LYS D 239 14.62 36.25 4.16
N TYR D 240 14.20 36.13 5.42
CA TYR D 240 13.14 36.97 5.97
C TYR D 240 13.64 38.27 6.64
N LYS D 241 14.82 38.73 6.21
CA LYS D 241 15.33 40.07 6.55
C LYS D 241 14.94 41.03 5.43
N ASN D 242 14.45 40.44 4.35
CA ASN D 242 14.17 41.16 3.13
C ASN D 242 12.96 42.08 3.27
N SER D 243 12.93 43.10 2.41
CA SER D 243 11.79 43.99 2.25
C SER D 243 10.56 43.21 1.76
N LYS D 244 10.81 42.20 0.91
CA LYS D 244 9.78 41.31 0.37
C LYS D 244 8.94 40.68 1.47
N TYR D 245 9.58 40.24 2.55
CA TYR D 245 8.88 39.58 3.66
C TYR D 245 8.76 40.48 4.89
N HIS D 246 8.85 41.79 4.67
CA HIS D 246 8.64 42.80 5.72
C HIS D 246 9.57 42.66 6.94
N GLY D 247 10.71 42.01 6.73
CA GLY D 247 11.78 41.92 7.74
C GLY D 247 11.49 41.21 9.07
N VAL D 248 10.51 40.30 9.06
CA VAL D 248 10.00 39.66 10.29
C VAL D 248 11.00 38.81 11.08
N SER D 249 12.03 38.30 10.40
CA SER D 249 13.06 37.53 11.09
C SER D 249 13.87 38.43 12.00
N LEU D 250 13.86 39.74 11.70
CA LEU D 250 14.63 40.74 12.44
C LEU D 250 13.91 41.19 13.71
N LEU D 251 12.61 40.93 13.80
CA LEU D 251 11.88 41.19 15.03
C LEU D 251 12.48 40.36 16.17
N ASN D 252 12.37 40.87 17.39
CA ASN D 252 12.73 40.08 18.55
C ASN D 252 11.54 39.17 18.91
N PRO D 253 11.81 37.87 19.12
CA PRO D 253 10.74 36.96 19.53
C PRO D 253 10.25 37.26 20.93
N PRO D 254 8.95 37.04 21.20
CA PRO D 254 8.53 37.08 22.60
C PRO D 254 9.08 35.84 23.29
N GLU D 255 9.44 35.97 24.57
CA GLU D 255 10.02 34.86 25.33
C GLU D 255 9.01 34.21 26.29
N THR D 256 7.79 34.74 26.30
CA THR D 256 6.68 34.13 27.04
C THR D 256 5.36 34.28 26.27
N LEU D 257 4.48 33.29 26.39
CA LEU D 257 3.21 33.28 25.66
C LEU D 257 2.01 33.23 26.60
N ASN D 258 1.79 32.08 27.22
CA ASN D 258 0.74 31.86 28.21
C ASN D 258 1.05 30.65 29.10
N LEU D 259 2.14 30.76 29.86
CA LEU D 259 2.54 29.72 30.83
C LEU D 259 1.75 29.80 32.15
N ARG E 1 -14.35 -28.15 -15.98
CA ARG E 1 -15.26 -27.73 -17.08
C ARG E 1 -15.10 -26.24 -17.40
N LYS E 2 -15.55 -25.82 -18.57
CA LYS E 2 -15.49 -24.41 -18.95
C LYS E 2 -16.60 -23.80 -18.12
N LEU E 3 -16.50 -22.51 -17.79
CA LEU E 3 -17.53 -21.91 -16.96
C LEU E 3 -18.61 -21.06 -17.62
N PHE E 4 -18.24 -20.25 -18.59
CA PHE E 4 -19.26 -19.42 -19.21
C PHE E 4 -19.33 -19.63 -20.72
N ASN E 5 -18.44 -19.02 -21.47
CA ASN E 5 -18.44 -19.24 -22.90
C ASN E 5 -17.60 -20.50 -23.11
#